data_2P6P
#
_entry.id   2P6P
#
_cell.length_a   65.872
_cell.length_b   78.904
_cell.length_c   133.958
_cell.angle_alpha   90.00
_cell.angle_beta   90.00
_cell.angle_gamma   90.00
#
_symmetry.space_group_name_H-M   'P 21 21 21'
#
loop_
_entity.id
_entity.type
_entity.pdbx_description
1 polymer 'Glycosyl transferase'
2 non-polymer GLYCEROL
3 water water
#
_entity_poly.entity_id   1
_entity_poly.type   'polypeptide(L)'
_entity_poly.pdbx_seq_one_letter_code
;MRILFVAAGSPATVFALAPLATAARNAGHQVVMAANQDMGPVVTGVGLPAVATTDLPIRHFITTDREGRPEAIPSDPVAQ
ARFTGRWFARMAASSLPRMLDFSRAWRPDLIVGGTMSYVAPLLALHLGVPHARQTWDAVDADGIHPGADAELRPELSELG
LERLPAPDLFIDICPPSLRPANAAPARMMRHVATSRQCPLEPWMYTRDTRQRVLVTSGSRVAKESYDRNFDFLRGLAKDL
VRWDVELIVAAPDTVAEALRAEVPQARVGWTPLDVVAPTCDLLVHHAGGVSTLTGLSAGVPQLLIPKGSVLEAPARRVAD
YGAAIALLPGEDSTEAIADSCQELQAKDTYARRAQDLSREISGMPLPATVVTALEQLAHHHHHH
;
_entity_poly.pdbx_strand_id   A,B
#
# COMPACT_ATOMS: atom_id res chain seq x y z
N MET A 1 12.97 2.26 -13.27
CA MET A 1 13.90 3.31 -12.77
C MET A 1 13.77 3.47 -11.25
N ARG A 2 14.64 4.29 -10.69
CA ARG A 2 14.73 4.44 -9.24
C ARG A 2 14.16 5.79 -8.86
N ILE A 3 13.10 5.81 -8.04
CA ILE A 3 12.45 7.09 -7.70
C ILE A 3 12.43 7.33 -6.21
N LEU A 4 12.96 8.48 -5.81
CA LEU A 4 12.91 8.89 -4.43
C LEU A 4 11.74 9.86 -4.25
N PHE A 5 10.74 9.44 -3.48
CA PHE A 5 9.68 10.33 -3.00
C PHE A 5 10.07 10.96 -1.70
N VAL A 6 9.71 12.23 -1.52
CA VAL A 6 10.00 12.92 -0.24
C VAL A 6 8.70 13.54 0.30
N ALA A 7 8.21 13.00 1.40
CA ALA A 7 7.01 13.55 2.05
C ALA A 7 7.52 14.60 3.08
N ALA A 8 6.98 14.64 4.27
CA ALA A 8 7.53 15.56 5.26
C ALA A 8 7.27 14.97 6.65
N GLY A 9 6.74 15.76 7.58
CA GLY A 9 6.79 15.39 8.98
C GLY A 9 5.47 15.05 9.62
N SER A 10 4.41 14.97 8.80
CA SER A 10 3.09 14.62 9.34
C SER A 10 2.41 13.57 8.46
N PRO A 11 1.49 12.77 9.03
CA PRO A 11 0.94 11.67 8.21
C PRO A 11 0.23 12.04 6.92
N ALA A 12 -0.49 13.15 6.85
CA ALA A 12 -1.15 13.54 5.61
C ALA A 12 -0.20 13.83 4.46
N THR A 13 1.04 14.22 4.77
CA THR A 13 2.07 14.39 3.74
C THR A 13 2.45 13.05 3.06
N VAL A 14 2.51 11.99 3.85
CA VAL A 14 2.71 10.61 3.34
C VAL A 14 1.49 10.17 2.54
N PHE A 15 0.31 10.24 3.18
CA PHE A 15 -0.95 9.79 2.58
C PHE A 15 -1.20 10.46 1.23
N ALA A 16 -0.91 11.76 1.11
CA ALA A 16 -1.14 12.50 -0.14
C ALA A 16 -0.29 12.02 -1.29
N LEU A 17 0.92 11.55 -0.98
CA LEU A 17 1.90 11.13 -2.00
C LEU A 17 1.83 9.64 -2.28
N ALA A 18 1.18 8.88 -1.38
CA ALA A 18 1.18 7.41 -1.46
C ALA A 18 0.50 6.83 -2.72
N PRO A 19 -0.62 7.42 -3.18
CA PRO A 19 -1.20 6.88 -4.43
C PRO A 19 -0.21 6.87 -5.62
N LEU A 20 0.49 7.98 -5.86
CA LEU A 20 1.43 8.06 -6.97
C LEU A 20 2.67 7.17 -6.70
N ALA A 21 3.09 7.14 -5.43
CA ALA A 21 4.27 6.38 -5.02
C ALA A 21 4.02 4.89 -5.16
N THR A 22 2.85 4.42 -4.74
CA THR A 22 2.55 3.00 -4.89
C THR A 22 2.21 2.67 -6.34
N ALA A 23 1.62 3.62 -7.06
CA ALA A 23 1.37 3.38 -8.49
C ALA A 23 2.72 3.20 -9.20
N ALA A 24 3.70 4.02 -8.83
CA ALA A 24 5.05 3.87 -9.42
C ALA A 24 5.65 2.50 -9.08
N ARG A 25 5.53 2.07 -7.83
CA ARG A 25 5.98 0.73 -7.42
C ARG A 25 5.22 -0.33 -8.23
N ASN A 26 3.91 -0.15 -8.36
CA ASN A 26 3.10 -1.10 -9.17
C ASN A 26 3.47 -1.14 -10.64
N ALA A 27 4.23 -0.15 -11.11
CA ALA A 27 4.70 -0.13 -12.53
C ALA A 27 6.06 -0.72 -12.68
N GLY A 28 6.62 -1.24 -11.59
CA GLY A 28 7.90 -1.95 -11.71
C GLY A 28 9.11 -1.13 -11.28
N HIS A 29 8.89 0.09 -10.77
CA HIS A 29 10.00 0.97 -10.39
C HIS A 29 10.49 0.68 -8.98
N GLN A 30 11.77 0.96 -8.70
CA GLN A 30 12.27 0.88 -7.33
C GLN A 30 11.90 2.22 -6.72
N VAL A 31 11.17 2.17 -5.61
CA VAL A 31 10.61 3.37 -4.98
C VAL A 31 10.93 3.34 -3.49
N VAL A 32 11.39 4.48 -2.98
CA VAL A 32 11.59 4.66 -1.53
C VAL A 32 10.93 5.99 -1.17
N MET A 33 10.45 6.10 0.06
CA MET A 33 9.93 7.39 0.51
C MET A 33 10.66 7.92 1.73
N ALA A 34 11.09 9.17 1.66
CA ALA A 34 11.83 9.80 2.74
C ALA A 34 10.87 10.69 3.52
N ALA A 35 10.97 10.66 4.85
CA ALA A 35 10.09 11.50 5.71
C ALA A 35 10.81 11.64 7.05
N ASN A 36 10.35 12.51 7.95
CA ASN A 36 10.97 12.53 9.29
C ASN A 36 10.95 11.13 9.87
N GLN A 37 11.88 10.84 10.78
CA GLN A 37 11.99 9.52 11.37
C GLN A 37 10.68 9.02 12.00
N ASP A 38 9.94 9.93 12.67
CA ASP A 38 8.71 9.51 13.34
C ASP A 38 7.56 9.21 12.35
N MET A 39 7.75 9.54 11.06
CA MET A 39 6.77 9.16 10.04
C MET A 39 7.12 7.79 9.46
N GLY A 40 8.21 7.21 9.92
CA GLY A 40 8.68 5.90 9.43
C GLY A 40 7.61 4.84 9.34
N PRO A 41 6.88 4.60 10.45
CA PRO A 41 5.80 3.61 10.41
C PRO A 41 4.60 4.01 9.57
N VAL A 42 4.43 5.31 9.33
CA VAL A 42 3.39 5.77 8.44
C VAL A 42 3.77 5.38 7.00
N VAL A 43 5.02 5.60 6.63
CA VAL A 43 5.52 5.22 5.32
C VAL A 43 5.44 3.69 5.10
N THR A 44 5.94 2.90 6.04
CA THR A 44 5.95 1.46 5.85
C THR A 44 4.51 0.92 5.90
N GLY A 45 3.61 1.60 6.62
CA GLY A 45 2.18 1.23 6.67
C GLY A 45 1.42 1.46 5.36
N VAL A 46 1.95 2.25 4.43
CA VAL A 46 1.32 2.37 3.10
C VAL A 46 1.97 1.42 2.11
N GLY A 47 2.92 0.62 2.61
CA GLY A 47 3.57 -0.43 1.82
C GLY A 47 4.86 -0.02 1.14
N LEU A 48 5.50 1.03 1.67
CA LEU A 48 6.73 1.58 1.06
C LEU A 48 7.95 1.52 2.01
N PRO A 49 9.17 1.35 1.46
CA PRO A 49 10.39 1.39 2.30
C PRO A 49 10.62 2.83 2.76
N ALA A 50 11.03 3.00 4.03
CA ALA A 50 11.13 4.34 4.63
C ALA A 50 12.60 4.74 4.85
N VAL A 51 12.85 6.01 4.59
CA VAL A 51 14.13 6.63 4.84
C VAL A 51 13.83 7.85 5.75
N ALA A 52 14.70 8.15 6.71
CA ALA A 52 14.56 9.36 7.56
C ALA A 52 15.38 10.55 7.03
N THR A 53 14.69 11.62 6.64
CA THR A 53 15.32 12.87 6.23
C THR A 53 16.07 13.48 7.44
N THR A 54 15.44 13.34 8.61
CA THR A 54 15.91 13.86 9.90
C THR A 54 15.28 13.07 11.04
N ASP A 55 15.97 13.01 12.16
CA ASP A 55 15.43 12.34 13.36
C ASP A 55 14.62 13.27 14.27
N LEU A 56 14.55 14.54 13.89
CA LEU A 56 13.83 15.53 14.70
C LEU A 56 12.38 15.63 14.20
N PRO A 57 11.42 15.76 15.13
CA PRO A 57 10.02 15.86 14.66
C PRO A 57 9.70 17.27 14.23
N ILE A 58 8.52 17.46 13.63
CA ILE A 58 8.16 18.79 13.15
C ILE A 58 8.08 19.83 14.28
N ARG A 59 7.68 19.39 15.45
CA ARG A 59 7.59 20.32 16.57
C ARG A 59 8.92 21.05 16.78
N HIS A 60 10.04 20.35 16.62
CA HIS A 60 11.35 21.00 16.74
C HIS A 60 11.51 22.16 15.76
N PHE A 61 11.20 21.91 14.50
CA PHE A 61 11.39 22.90 13.43
C PHE A 61 10.39 24.06 13.48
N ILE A 62 9.15 23.75 13.81
CA ILE A 62 8.15 24.79 14.07
C ILE A 62 8.53 25.79 15.19
N THR A 63 9.03 25.25 16.30
CA THR A 63 9.26 26.03 17.52
C THR A 63 10.67 26.61 17.65
N THR A 64 11.62 26.18 16.80
CA THR A 64 12.97 26.64 16.95
C THR A 64 13.66 27.05 15.67
N ASP A 65 14.36 28.18 15.72
CA ASP A 65 14.99 28.69 14.52
C ASP A 65 16.39 28.04 14.29
N ARG A 66 16.99 28.35 13.14
CA ARG A 66 18.30 27.81 12.76
C ARG A 66 19.38 28.11 13.81
N GLU A 67 19.16 29.14 14.64
CA GLU A 67 20.11 29.53 15.69
C GLU A 67 19.87 28.82 17.02
N GLY A 68 18.92 27.88 17.01
CA GLY A 68 18.52 27.16 18.21
C GLY A 68 17.69 27.92 19.24
N ARG A 69 17.11 29.07 18.84
CA ARG A 69 16.28 29.86 19.75
C ARG A 69 14.79 29.67 19.46
N PRO A 70 13.94 29.68 20.51
CA PRO A 70 12.48 29.58 20.33
C PRO A 70 11.96 30.67 19.39
N GLU A 71 11.01 30.32 18.52
CA GLU A 71 10.36 31.27 17.62
C GLU A 71 8.85 31.27 17.84
N ALA A 72 8.23 32.45 17.89
CA ALA A 72 6.78 32.57 18.06
C ALA A 72 6.10 32.55 16.71
N ILE A 73 4.89 31.97 16.64
CA ILE A 73 4.13 31.92 15.39
C ILE A 73 3.38 33.23 15.25
N PRO A 74 3.56 33.95 14.12
CA PRO A 74 2.85 35.22 14.02
C PRO A 74 1.40 35.02 13.60
N SER A 75 0.57 36.03 13.88
CA SER A 75 -0.88 35.96 13.62
C SER A 75 -1.28 36.60 12.28
N ASP A 76 -0.58 37.65 11.86
CA ASP A 76 -0.87 38.27 10.58
C ASP A 76 -0.81 37.18 9.50
N PRO A 77 -1.82 37.15 8.61
CA PRO A 77 -1.90 36.05 7.64
C PRO A 77 -0.74 35.98 6.63
N VAL A 78 -0.22 37.12 6.19
CA VAL A 78 0.99 37.12 5.34
C VAL A 78 2.22 36.59 6.11
N ALA A 79 2.44 37.14 7.32
CA ALA A 79 3.50 36.64 8.20
C ALA A 79 3.41 35.13 8.51
N GLN A 80 2.20 34.65 8.81
CA GLN A 80 2.03 33.24 9.13
C GLN A 80 2.28 32.34 7.94
N ALA A 81 1.86 32.75 6.75
CA ALA A 81 2.19 32.00 5.53
C ALA A 81 3.72 31.94 5.31
N ARG A 82 4.41 33.07 5.48
CA ARG A 82 5.88 33.07 5.34
C ARG A 82 6.47 32.15 6.41
N PHE A 83 5.98 32.29 7.64
CA PHE A 83 6.46 31.43 8.73
C PHE A 83 6.35 29.94 8.39
N THR A 84 5.23 29.55 7.77
CA THR A 84 5.00 28.17 7.33
C THR A 84 6.09 27.72 6.32
N GLY A 85 6.41 28.58 5.37
CA GLY A 85 7.50 28.30 4.43
C GLY A 85 8.85 28.18 5.12
N ARG A 86 9.11 29.08 6.07
CA ARG A 86 10.35 29.14 6.84
C ARG A 86 10.59 27.86 7.64
N TRP A 87 9.57 27.38 8.34
CA TRP A 87 9.84 26.19 9.17
C TRP A 87 9.98 24.93 8.34
N PHE A 88 9.20 24.79 7.26
CA PHE A 88 9.43 23.69 6.33
C PHE A 88 10.85 23.79 5.70
N ALA A 89 11.31 25.03 5.41
CA ALA A 89 12.64 25.25 4.83
C ALA A 89 13.77 24.91 5.80
N ARG A 90 13.64 25.29 7.07
CA ARG A 90 14.74 24.94 7.98
C ARG A 90 14.79 23.44 8.29
N MET A 91 13.66 22.77 8.21
CA MET A 91 13.65 21.30 8.21
C MET A 91 14.45 20.76 7.02
N ALA A 92 14.19 21.30 5.82
CA ALA A 92 14.87 20.87 4.61
C ALA A 92 16.34 21.13 4.73
N ALA A 93 16.70 22.36 5.10
CA ALA A 93 18.13 22.73 5.27
C ALA A 93 18.81 21.82 6.25
N SER A 94 18.10 21.44 7.31
CA SER A 94 18.69 20.55 8.31
C SER A 94 18.90 19.14 7.79
N SER A 95 17.97 18.68 6.95
CA SER A 95 17.98 17.36 6.34
C SER A 95 18.99 17.22 5.17
N LEU A 96 19.42 18.34 4.58
CA LEU A 96 20.13 18.25 3.31
C LEU A 96 21.43 17.44 3.34
N PRO A 97 22.29 17.67 4.34
CA PRO A 97 23.56 16.89 4.34
C PRO A 97 23.36 15.37 4.40
N ARG A 98 22.43 14.89 5.25
CA ARG A 98 22.12 13.44 5.26
C ARG A 98 21.49 12.94 3.97
N MET A 99 20.57 13.73 3.41
CA MET A 99 19.86 13.32 2.21
C MET A 99 20.76 13.31 0.98
N LEU A 100 21.73 14.21 0.94
CA LEU A 100 22.79 14.19 -0.07
C LEU A 100 23.60 12.91 -0.04
N ASP A 101 24.03 12.52 1.16
CA ASP A 101 24.75 11.25 1.37
C ASP A 101 23.90 10.06 0.97
N PHE A 102 22.66 10.02 1.44
CA PHE A 102 21.78 8.93 1.06
C PHE A 102 21.60 8.89 -0.45
N SER A 103 21.44 10.04 -1.08
CA SER A 103 21.06 10.06 -2.53
C SER A 103 22.23 9.68 -3.41
N ARG A 104 23.43 10.00 -2.95
CA ARG A 104 24.63 9.60 -3.61
C ARG A 104 24.85 8.09 -3.49
N ALA A 105 24.32 7.48 -2.44
CA ALA A 105 24.47 6.06 -2.25
C ALA A 105 23.35 5.28 -2.94
N TRP A 106 22.14 5.85 -2.93
CA TRP A 106 20.96 5.17 -3.51
C TRP A 106 20.74 5.42 -5.03
N ARG A 107 21.28 6.53 -5.53
CA ARG A 107 21.22 6.86 -6.98
C ARG A 107 19.81 6.92 -7.58
N PRO A 108 18.98 7.88 -7.13
CA PRO A 108 17.68 8.12 -7.72
C PRO A 108 17.83 8.64 -9.15
N ASP A 109 16.92 8.20 -10.02
CA ASP A 109 16.81 8.71 -11.38
C ASP A 109 15.90 9.94 -11.43
N LEU A 110 15.11 10.10 -10.38
CA LEU A 110 14.05 11.12 -10.30
C LEU A 110 13.65 11.30 -8.83
N ILE A 111 13.32 12.53 -8.47
CA ILE A 111 12.90 12.83 -7.09
C ILE A 111 11.53 13.47 -7.18
N VAL A 112 10.59 12.95 -6.42
CA VAL A 112 9.26 13.53 -6.35
C VAL A 112 9.08 14.06 -4.92
N GLY A 113 8.81 15.35 -4.74
CA GLY A 113 8.56 15.84 -3.36
C GLY A 113 7.21 16.50 -3.24
N GLY A 114 6.66 16.52 -2.04
CA GLY A 114 5.43 17.28 -1.72
C GLY A 114 5.63 18.78 -1.87
N THR A 115 4.57 19.55 -1.77
CA THR A 115 4.63 20.99 -2.03
C THR A 115 5.78 21.69 -1.24
N MET A 116 5.84 21.44 0.07
CA MET A 116 6.92 22.07 0.91
C MET A 116 8.04 21.11 1.34
N SER A 117 8.23 20.02 0.58
CA SER A 117 9.36 19.12 0.77
C SER A 117 10.60 19.72 0.14
N TYR A 118 11.08 20.82 0.69
CA TYR A 118 12.14 21.59 0.01
C TYR A 118 13.46 20.89 -0.16
N VAL A 119 13.71 19.82 0.60
CA VAL A 119 14.95 19.05 0.37
C VAL A 119 14.92 18.43 -1.03
N ALA A 120 13.70 18.16 -1.55
CA ALA A 120 13.60 17.57 -2.89
C ALA A 120 14.21 18.45 -4.01
N PRO A 121 13.72 19.70 -4.24
CA PRO A 121 14.43 20.54 -5.21
C PRO A 121 15.89 20.87 -4.93
N LEU A 122 16.29 20.97 -3.66
CA LEU A 122 17.70 21.17 -3.31
C LEU A 122 18.57 19.99 -3.78
N LEU A 123 18.09 18.77 -3.52
CA LEU A 123 18.80 17.57 -3.97
C LEU A 123 18.88 17.56 -5.50
N ALA A 124 17.77 17.91 -6.13
CA ALA A 124 17.71 17.96 -7.59
C ALA A 124 18.82 18.84 -8.11
N LEU A 125 19.01 20.01 -7.49
CA LEU A 125 20.00 21.00 -7.96
C LEU A 125 21.44 20.54 -7.72
N HIS A 126 21.66 19.87 -6.58
CA HIS A 126 23.00 19.38 -6.24
C HIS A 126 23.41 18.23 -7.17
N LEU A 127 22.48 17.32 -7.39
CA LEU A 127 22.78 16.05 -8.02
C LEU A 127 22.45 15.97 -9.51
N GLY A 128 21.70 16.96 -10.02
CA GLY A 128 21.31 16.98 -11.43
C GLY A 128 20.33 15.89 -11.85
N VAL A 129 19.36 15.60 -11.00
CA VAL A 129 18.29 14.70 -11.41
C VAL A 129 16.98 15.48 -11.44
N PRO A 130 16.02 15.05 -12.28
CA PRO A 130 14.80 15.89 -12.35
C PRO A 130 14.02 15.89 -11.06
N HIS A 131 13.29 16.97 -10.81
CA HIS A 131 12.42 17.09 -9.66
C HIS A 131 10.95 17.27 -10.07
N ALA A 132 10.08 16.35 -9.64
CA ALA A 132 8.64 16.57 -9.83
C ALA A 132 8.03 16.95 -8.50
N ARG A 133 7.20 17.99 -8.49
CA ARG A 133 6.46 18.35 -7.27
C ARG A 133 4.99 17.92 -7.36
N GLN A 134 4.52 17.21 -6.34
CA GLN A 134 3.11 16.88 -6.23
C GLN A 134 2.49 17.66 -5.09
N THR A 135 1.40 18.37 -5.37
CA THR A 135 0.71 19.02 -4.27
C THR A 135 0.04 17.98 -3.40
N TRP A 136 -0.17 18.35 -2.15
CA TRP A 136 -0.65 17.38 -1.18
C TRP A 136 -1.93 17.87 -0.53
N ASP A 137 -2.46 18.96 -1.05
CA ASP A 137 -3.80 19.46 -0.67
C ASP A 137 -4.16 20.56 -1.68
N ALA A 138 -5.25 21.28 -1.41
CA ALA A 138 -5.70 22.39 -2.25
C ALA A 138 -5.27 23.75 -1.68
N VAL A 139 -4.23 23.77 -0.87
CA VAL A 139 -3.78 24.98 -0.21
C VAL A 139 -2.88 25.84 -1.13
N ASP A 140 -3.25 27.10 -1.32
CA ASP A 140 -2.40 28.05 -2.07
C ASP A 140 -1.03 28.19 -1.40
N ALA A 141 0.07 28.04 -2.15
CA ALA A 141 1.44 28.17 -1.60
C ALA A 141 2.15 29.45 -2.05
N ASP A 142 1.40 30.37 -2.68
CA ASP A 142 1.99 31.60 -3.18
C ASP A 142 2.57 32.47 -2.06
N GLY A 143 1.97 32.43 -0.86
CA GLY A 143 2.50 33.16 0.30
C GLY A 143 3.50 32.37 1.11
N ILE A 144 3.59 31.07 0.84
CA ILE A 144 4.43 30.15 1.59
C ILE A 144 5.86 30.06 1.01
N HIS A 145 5.96 29.81 -0.30
CA HIS A 145 7.25 29.65 -0.96
C HIS A 145 8.25 30.81 -0.74
N PRO A 146 7.80 32.08 -0.76
CA PRO A 146 8.73 33.17 -0.49
C PRO A 146 9.36 33.11 0.88
N GLY A 147 8.63 32.57 1.87
CA GLY A 147 9.14 32.39 3.23
C GLY A 147 10.24 31.36 3.26
N ALA A 148 10.05 30.31 2.48
CA ALA A 148 11.06 29.28 2.23
C ALA A 148 12.30 29.80 1.51
N ASP A 149 12.10 30.56 0.42
CA ASP A 149 13.20 31.19 -0.34
C ASP A 149 14.11 32.04 0.58
N ALA A 150 13.51 32.89 1.42
CA ALA A 150 14.29 33.69 2.37
C ALA A 150 15.09 32.83 3.35
N GLU A 151 14.44 31.81 3.91
CA GLU A 151 15.09 30.99 4.94
C GLU A 151 16.24 30.17 4.37
N LEU A 152 16.09 29.75 3.11
CA LEU A 152 17.13 28.96 2.43
C LEU A 152 18.25 29.79 1.80
N ARG A 153 18.30 31.08 2.11
CA ARG A 153 19.33 31.97 1.54
C ARG A 153 20.76 31.36 1.54
N PRO A 154 21.20 30.73 2.64
CA PRO A 154 22.54 30.11 2.63
C PRO A 154 22.74 28.97 1.62
N GLU A 155 21.79 28.05 1.54
CA GLU A 155 21.82 26.95 0.57
C GLU A 155 21.64 27.41 -0.87
N LEU A 156 20.73 28.36 -1.09
CA LEU A 156 20.50 28.91 -2.42
C LEU A 156 21.64 29.79 -2.90
N SER A 157 22.25 30.53 -1.98
CA SER A 157 23.46 31.30 -2.33
C SER A 157 24.58 30.46 -2.92
N GLU A 158 24.90 29.35 -2.25
CA GLU A 158 25.94 28.45 -2.71
C GLU A 158 25.66 27.95 -4.15
N LEU A 159 24.39 27.96 -4.54
CA LEU A 159 23.94 27.42 -5.81
C LEU A 159 23.73 28.53 -6.85
N GLY A 160 24.01 29.77 -6.44
CA GLY A 160 23.90 30.93 -7.34
C GLY A 160 22.47 31.40 -7.58
N LEU A 161 21.58 31.12 -6.64
CA LEU A 161 20.15 31.44 -6.75
C LEU A 161 19.66 32.33 -5.63
N GLU A 162 18.59 33.07 -5.89
CA GLU A 162 17.86 33.79 -4.84
C GLU A 162 16.55 33.12 -4.43
N ARG A 163 16.05 32.26 -5.31
CA ARG A 163 14.78 31.56 -5.08
C ARG A 163 14.87 30.12 -5.58
N LEU A 164 14.10 29.23 -4.97
CA LEU A 164 14.05 27.87 -5.49
C LEU A 164 13.51 27.91 -6.93
N PRO A 165 14.01 27.02 -7.80
CA PRO A 165 13.53 27.01 -9.18
C PRO A 165 12.17 26.37 -9.29
N ALA A 166 11.55 26.55 -10.45
CA ALA A 166 10.29 25.86 -10.74
C ALA A 166 10.56 24.34 -10.86
N PRO A 167 9.56 23.51 -10.50
CA PRO A 167 9.69 22.04 -10.71
C PRO A 167 9.86 21.67 -12.19
N ASP A 168 10.56 20.57 -12.48
CA ASP A 168 10.66 20.07 -13.85
C ASP A 168 9.29 19.56 -14.33
N LEU A 169 8.47 19.17 -13.36
CA LEU A 169 7.10 18.63 -13.56
C LEU A 169 6.31 19.00 -12.34
N PHE A 170 5.17 19.64 -12.56
CA PHE A 170 4.30 20.03 -11.46
C PHE A 170 2.97 19.28 -11.59
N ILE A 171 2.62 18.52 -10.56
CA ILE A 171 1.46 17.66 -10.54
C ILE A 171 0.55 18.22 -9.44
N ASP A 172 -0.71 18.45 -9.77
CA ASP A 172 -1.56 19.16 -8.82
C ASP A 172 -2.86 18.39 -8.62
N ILE A 173 -3.14 18.05 -7.38
CA ILE A 173 -4.38 17.31 -7.06
C ILE A 173 -5.61 18.25 -6.78
N CYS A 174 -5.42 19.56 -6.84
CA CYS A 174 -6.52 20.51 -6.58
C CYS A 174 -7.59 20.42 -7.68
N PRO A 175 -8.87 20.16 -7.31
CA PRO A 175 -9.93 20.20 -8.35
C PRO A 175 -9.90 21.55 -9.05
N PRO A 176 -10.06 21.56 -10.38
CA PRO A 176 -9.99 22.82 -11.10
C PRO A 176 -10.91 23.92 -10.55
N SER A 177 -12.15 23.56 -10.16
CA SER A 177 -13.11 24.52 -9.61
C SER A 177 -12.61 25.24 -8.34
N LEU A 178 -11.66 24.67 -7.66
CA LEU A 178 -11.14 25.27 -6.43
C LEU A 178 -9.71 25.79 -6.65
N ARG A 179 -9.25 25.76 -7.90
CA ARG A 179 -7.84 26.07 -8.19
C ARG A 179 -7.68 27.56 -8.52
N PRO A 180 -6.76 28.24 -7.81
CA PRO A 180 -6.62 29.67 -8.13
C PRO A 180 -6.16 29.91 -9.61
N ALA A 181 -6.62 31.01 -10.21
CA ALA A 181 -6.26 31.38 -11.59
C ALA A 181 -4.77 31.68 -11.79
N ASN A 182 -4.06 31.95 -10.70
CA ASN A 182 -2.64 32.27 -10.78
C ASN A 182 -1.72 31.06 -10.58
N ALA A 183 -2.32 29.88 -10.37
CA ALA A 183 -1.55 28.64 -10.21
C ALA A 183 -0.75 28.33 -11.50
N ALA A 184 0.38 27.69 -11.35
CA ALA A 184 1.26 27.35 -12.49
C ALA A 184 0.65 26.21 -13.32
N PRO A 185 0.96 26.14 -14.64
CA PRO A 185 0.52 24.95 -15.40
C PRO A 185 0.94 23.64 -14.73
N ALA A 186 -0.01 22.70 -14.65
CA ALA A 186 0.23 21.44 -13.96
C ALA A 186 -0.34 20.27 -14.76
N ARG A 187 0.21 19.09 -14.49
CA ARG A 187 -0.41 17.85 -14.86
C ARG A 187 -1.42 17.59 -13.75
N MET A 188 -2.72 17.64 -14.07
CA MET A 188 -3.73 17.34 -13.04
C MET A 188 -3.64 15.87 -12.66
N MET A 189 -3.96 15.58 -11.41
CA MET A 189 -4.06 14.19 -10.93
C MET A 189 -5.17 14.09 -9.86
N ARG A 190 -6.01 13.08 -9.97
CA ARG A 190 -7.05 12.79 -9.00
C ARG A 190 -6.46 12.57 -7.60
N HIS A 191 -7.01 13.27 -6.61
CA HIS A 191 -6.72 12.92 -5.23
C HIS A 191 -7.41 11.60 -4.94
N VAL A 192 -6.65 10.64 -4.44
CA VAL A 192 -7.19 9.32 -4.01
C VAL A 192 -6.97 9.15 -2.48
N ALA A 193 -8.04 9.01 -1.72
CA ALA A 193 -7.91 8.91 -0.26
C ALA A 193 -7.17 7.64 0.21
N THR A 194 -6.10 7.84 0.98
CA THR A 194 -5.39 6.76 1.67
C THR A 194 -5.16 7.08 3.17
N SER A 195 -4.95 6.05 3.97
CA SER A 195 -4.45 6.21 5.34
C SER A 195 -3.89 4.91 5.90
N ARG A 196 -3.54 4.90 7.17
CA ARG A 196 -3.15 3.66 7.86
C ARG A 196 -4.40 2.82 8.03
N GLN A 197 -4.26 1.50 7.75
CA GLN A 197 -5.42 0.63 7.68
C GLN A 197 -5.56 -0.31 8.88
N CYS A 198 -6.79 -0.80 9.11
CA CYS A 198 -7.08 -1.72 10.22
C CYS A 198 -8.04 -2.89 9.84
N PRO A 199 -8.13 -3.95 10.71
CA PRO A 199 -9.21 -4.85 10.61
C PRO A 199 -10.58 -4.14 10.62
N LEU A 200 -11.44 -4.44 9.66
CA LEU A 200 -12.72 -3.85 9.52
C LEU A 200 -13.72 -4.34 10.59
N GLU A 201 -14.42 -3.29 11.11
CA GLU A 201 -15.53 -3.51 12.08
C GLU A 201 -16.84 -3.20 11.34
N PRO A 202 -17.87 -4.06 11.52
CA PRO A 202 -19.11 -3.88 10.78
C PRO A 202 -19.64 -2.45 10.63
N TRP A 203 -19.40 -1.64 11.68
CA TRP A 203 -20.03 -0.25 11.58
C TRP A 203 -19.35 0.67 10.54
N MET A 204 -18.10 0.37 10.20
CA MET A 204 -17.39 1.18 9.25
C MET A 204 -18.05 1.11 7.87
N TYR A 205 -18.71 -0.02 7.59
CA TYR A 205 -19.41 -0.25 6.31
C TYR A 205 -20.93 -0.52 6.43
N THR A 206 -21.44 -0.68 7.65
CA THR A 206 -22.87 -0.99 7.83
C THR A 206 -23.66 0.24 8.28
N ARG A 207 -24.57 0.66 7.40
CA ARG A 207 -25.41 1.83 7.66
C ARG A 207 -26.65 1.41 8.45
N ASP A 208 -27.23 2.34 9.19
CA ASP A 208 -28.63 2.21 9.61
C ASP A 208 -29.42 3.44 9.15
N THR A 209 -30.62 3.65 9.68
CA THR A 209 -31.43 4.78 9.24
C THR A 209 -30.95 6.18 9.68
N ARG A 210 -30.26 6.26 10.84
CA ARG A 210 -29.47 7.44 11.27
C ARG A 210 -28.52 7.59 10.08
N GLN A 211 -28.37 8.72 9.42
CA GLN A 211 -27.60 9.94 9.76
C GLN A 211 -26.28 9.78 10.49
N ARG A 212 -25.21 9.77 9.72
CA ARG A 212 -23.89 9.43 10.21
C ARG A 212 -22.96 10.65 10.16
N VAL A 213 -22.61 11.19 11.34
CA VAL A 213 -21.70 12.34 11.40
C VAL A 213 -20.35 11.91 11.97
N LEU A 214 -19.29 12.19 11.21
CA LEU A 214 -17.92 11.88 11.62
C LEU A 214 -17.22 13.18 11.99
N VAL A 215 -16.78 13.29 13.24
CA VAL A 215 -15.87 14.36 13.69
C VAL A 215 -14.48 13.74 13.73
N THR A 216 -13.53 14.33 13.02
CA THR A 216 -12.26 13.62 12.78
C THR A 216 -11.03 14.51 12.90
N SER A 217 -9.92 13.90 13.32
CA SER A 217 -8.65 14.60 13.47
C SER A 217 -7.78 14.38 12.23
N GLY A 218 -8.30 13.66 11.24
CA GLY A 218 -7.59 13.42 9.96
C GLY A 218 -6.55 12.32 10.01
N SER A 219 -5.63 12.43 10.98
CA SER A 219 -4.72 11.32 11.32
C SER A 219 -4.76 11.00 12.83
N ARG A 220 -4.40 9.76 13.21
CA ARG A 220 -4.45 9.34 14.60
C ARG A 220 -3.29 9.91 15.43
N VAL A 221 -2.33 10.54 14.75
CA VAL A 221 -1.11 11.04 15.36
C VAL A 221 -1.45 12.27 16.21
N ALA A 222 -0.76 12.42 17.34
CA ALA A 222 -1.06 13.50 18.29
C ALA A 222 -0.77 14.91 17.75
N LYS A 223 0.17 15.00 16.80
CA LYS A 223 0.63 16.29 16.26
C LYS A 223 0.66 16.31 14.75
N GLU A 224 -0.40 16.81 14.10
CA GLU A 224 -0.28 17.09 12.67
C GLU A 224 0.29 18.52 12.46
N SER A 225 0.50 18.93 11.21
CA SER A 225 1.16 20.21 10.90
C SER A 225 0.21 21.38 11.08
N TYR A 226 -0.94 21.12 11.68
CA TYR A 226 -1.96 22.13 11.96
C TYR A 226 -2.68 21.82 13.28
N ASP A 227 -3.23 22.84 13.94
CA ASP A 227 -3.93 22.65 15.21
C ASP A 227 -5.29 21.95 15.06
N ARG A 228 -5.63 21.15 16.09
CA ARG A 228 -6.87 20.39 16.19
C ARG A 228 -7.30 20.41 17.65
N ASN A 229 -8.62 20.43 17.89
CA ASN A 229 -9.28 20.66 19.22
C ASN A 229 -10.71 21.05 18.88
N PHE A 230 -11.81 20.62 19.55
CA PHE A 230 -12.19 19.35 20.22
C PHE A 230 -12.93 19.60 21.53
N ASP A 231 -12.71 20.78 22.11
CA ASP A 231 -13.56 21.33 23.17
C ASP A 231 -15.01 21.52 22.73
N PHE A 232 -15.21 21.83 21.45
CA PHE A 232 -16.55 22.05 20.88
C PHE A 232 -17.47 20.83 20.91
N LEU A 233 -16.87 19.65 21.02
CA LEU A 233 -17.57 18.39 20.84
C LEU A 233 -18.67 18.12 21.87
N ARG A 234 -18.38 18.37 23.15
CA ARG A 234 -19.34 18.07 24.21
C ARG A 234 -20.72 18.70 23.96
N GLY A 235 -20.72 19.99 23.61
CA GLY A 235 -21.97 20.73 23.43
C GLY A 235 -22.65 20.34 22.14
N LEU A 236 -21.83 20.01 21.15
CA LEU A 236 -22.26 19.56 19.83
C LEU A 236 -22.93 18.20 19.89
N ALA A 237 -22.37 17.28 20.65
CA ALA A 237 -22.96 15.95 20.75
C ALA A 237 -24.35 15.97 21.37
N LYS A 238 -24.59 16.89 22.32
CA LYS A 238 -25.92 17.09 22.92
C LYS A 238 -26.97 17.57 21.92
N ASP A 239 -26.53 18.47 21.05
CA ASP A 239 -27.36 18.98 19.96
C ASP A 239 -27.73 17.82 19.04
N LEU A 240 -26.72 16.99 18.73
CA LEU A 240 -26.88 15.89 17.77
C LEU A 240 -27.76 14.75 18.27
N VAL A 241 -27.62 14.40 19.55
CA VAL A 241 -28.43 13.31 20.13
C VAL A 241 -29.94 13.51 19.94
N ARG A 242 -30.40 14.76 19.98
CA ARG A 242 -31.80 15.08 19.74
C ARG A 242 -32.16 14.86 18.27
N TRP A 243 -31.14 14.78 17.44
CA TRP A 243 -31.29 14.53 16.03
C TRP A 243 -31.09 13.05 15.72
N ASP A 244 -31.09 12.23 16.76
CA ASP A 244 -30.66 10.83 16.70
C ASP A 244 -29.61 10.58 15.62
N VAL A 245 -28.74 11.57 15.41
CA VAL A 245 -27.59 11.39 14.54
C VAL A 245 -26.72 10.29 15.15
N GLU A 246 -26.18 9.41 14.31
CA GLU A 246 -25.11 8.54 14.78
C GLU A 246 -23.76 9.30 14.70
N LEU A 247 -23.23 9.68 15.86
CA LEU A 247 -21.99 10.46 15.94
C LEU A 247 -20.79 9.55 16.15
N ILE A 248 -19.82 9.67 15.25
CA ILE A 248 -18.61 8.88 15.26
C ILE A 248 -17.42 9.84 15.43
N VAL A 249 -16.52 9.51 16.36
CA VAL A 249 -15.38 10.37 16.62
C VAL A 249 -14.05 9.66 16.38
N ALA A 250 -13.29 10.16 15.40
CA ALA A 250 -11.94 9.65 15.09
C ALA A 250 -10.91 10.65 15.60
N ALA A 251 -10.16 10.26 16.63
CA ALA A 251 -9.21 11.18 17.27
C ALA A 251 -7.97 10.46 17.79
N PRO A 252 -6.86 11.19 18.07
CA PRO A 252 -5.73 10.58 18.77
C PRO A 252 -6.18 9.96 20.09
N ASP A 253 -5.57 8.83 20.41
CA ASP A 253 -5.98 7.97 21.54
C ASP A 253 -6.15 8.66 22.89
N THR A 254 -5.32 9.67 23.16
CA THR A 254 -5.40 10.38 24.45
C THR A 254 -6.62 11.28 24.47
N VAL A 255 -6.81 12.02 23.38
CA VAL A 255 -8.00 12.82 23.15
C VAL A 255 -9.23 11.90 23.10
N ALA A 256 -9.15 10.85 22.29
CA ALA A 256 -10.20 9.81 22.23
C ALA A 256 -10.65 9.32 23.62
N GLU A 257 -9.71 9.12 24.52
CA GLU A 257 -10.05 8.63 25.86
C GLU A 257 -10.81 9.67 26.70
N ALA A 258 -10.32 10.92 26.66
CA ALA A 258 -10.99 12.02 27.35
C ALA A 258 -12.41 12.21 26.83
N LEU A 259 -12.59 12.07 25.51
CA LEU A 259 -13.90 12.27 24.88
C LEU A 259 -14.93 11.22 25.28
N ARG A 260 -14.48 9.97 25.46
CA ARG A 260 -15.37 8.90 25.90
C ARG A 260 -16.10 9.27 27.18
N ALA A 261 -15.47 10.07 28.02
CA ALA A 261 -16.08 10.53 29.27
C ALA A 261 -16.99 11.73 29.02
N GLU A 262 -16.48 12.69 28.27
CA GLU A 262 -17.17 13.96 27.99
C GLU A 262 -18.46 13.79 27.17
N VAL A 263 -18.42 12.95 26.15
CA VAL A 263 -19.60 12.68 25.33
C VAL A 263 -19.81 11.16 25.21
N PRO A 264 -20.46 10.57 26.22
CA PRO A 264 -20.64 9.12 26.26
C PRO A 264 -21.65 8.63 25.22
N GLN A 265 -22.48 9.56 24.75
CA GLN A 265 -23.54 9.27 23.77
C GLN A 265 -22.98 8.94 22.38
N ALA A 266 -21.68 9.15 22.17
CA ALA A 266 -21.03 8.95 20.88
C ALA A 266 -20.17 7.70 20.75
N ARG A 267 -19.86 7.33 19.51
CA ARG A 267 -18.88 6.28 19.25
C ARG A 267 -17.49 6.89 19.03
N VAL A 268 -16.63 6.69 20.02
CA VAL A 268 -15.31 7.33 20.01
C VAL A 268 -14.18 6.31 19.81
N GLY A 269 -13.25 6.61 18.93
CA GLY A 269 -12.09 5.74 18.75
C GLY A 269 -11.13 6.27 17.72
N TRP A 270 -10.56 5.38 16.92
CA TRP A 270 -9.89 5.80 15.69
C TRP A 270 -10.22 4.91 14.50
N THR A 271 -10.58 5.55 13.39
CA THR A 271 -10.84 4.84 12.16
C THR A 271 -10.35 5.66 10.97
N PRO A 272 -9.88 4.98 9.92
CA PRO A 272 -9.36 5.65 8.73
C PRO A 272 -10.44 6.45 8.03
N LEU A 273 -10.13 7.69 7.67
CA LEU A 273 -11.11 8.56 7.05
C LEU A 273 -11.55 8.00 5.68
N ASP A 274 -10.63 7.40 4.93
CA ASP A 274 -10.94 6.87 3.59
C ASP A 274 -11.96 5.73 3.61
N VAL A 275 -11.92 4.89 4.65
CA VAL A 275 -12.88 3.79 4.79
C VAL A 275 -14.27 4.33 5.18
N VAL A 276 -14.31 5.18 6.20
CA VAL A 276 -15.59 5.57 6.79
C VAL A 276 -16.26 6.76 6.07
N ALA A 277 -15.45 7.66 5.50
CA ALA A 277 -15.99 8.87 4.85
C ALA A 277 -17.18 8.61 3.92
N PRO A 278 -17.05 7.66 2.96
CA PRO A 278 -18.13 7.39 2.02
C PRO A 278 -19.44 7.02 2.67
N THR A 279 -19.40 6.64 3.94
CA THR A 279 -20.60 6.11 4.59
C THR A 279 -21.30 7.20 5.38
N CYS A 280 -20.70 8.38 5.41
CA CYS A 280 -21.11 9.48 6.26
C CYS A 280 -22.00 10.47 5.57
N ASP A 281 -22.87 11.11 6.34
CA ASP A 281 -23.63 12.25 5.84
C ASP A 281 -23.00 13.63 6.11
N LEU A 282 -22.02 13.68 7.00
CA LEU A 282 -21.38 14.94 7.34
C LEU A 282 -20.02 14.66 7.91
N LEU A 283 -19.05 15.48 7.54
CA LEU A 283 -17.72 15.44 8.13
C LEU A 283 -17.45 16.77 8.79
N VAL A 284 -16.92 16.72 10.02
CA VAL A 284 -16.60 17.92 10.77
C VAL A 284 -15.14 17.83 11.15
N HIS A 285 -14.37 18.81 10.70
CA HIS A 285 -12.94 18.78 10.95
C HIS A 285 -12.31 20.15 10.80
N HIS A 286 -11.00 20.22 11.03
CA HIS A 286 -10.29 21.48 11.08
C HIS A 286 -9.59 21.86 9.77
N ALA A 287 -9.92 21.14 8.70
CA ALA A 287 -9.62 21.60 7.36
C ALA A 287 -8.10 21.53 7.11
N GLY A 288 -7.42 20.62 7.81
CA GLY A 288 -6.00 20.33 7.61
C GLY A 288 -5.72 19.07 6.79
N GLY A 289 -4.44 18.76 6.61
CA GLY A 289 -4.00 17.63 5.78
C GLY A 289 -4.79 17.38 4.51
N VAL A 290 -5.19 16.13 4.31
CA VAL A 290 -5.97 15.77 3.13
C VAL A 290 -7.48 15.65 3.41
N SER A 291 -7.93 16.13 4.57
CA SER A 291 -9.30 15.86 5.00
C SER A 291 -10.35 16.39 4.07
N THR A 292 -10.22 17.68 3.69
CA THR A 292 -11.19 18.28 2.82
C THR A 292 -11.24 17.58 1.48
N LEU A 293 -10.08 17.30 0.86
CA LEU A 293 -10.16 16.64 -0.46
C LEU A 293 -10.70 15.23 -0.37
N THR A 294 -10.44 14.55 0.74
CA THR A 294 -11.02 13.23 0.98
C THR A 294 -12.55 13.32 1.09
N GLY A 295 -13.03 14.27 1.87
CA GLY A 295 -14.47 14.52 1.95
C GLY A 295 -15.09 14.84 0.60
N LEU A 296 -14.44 15.71 -0.19
CA LEU A 296 -14.99 16.02 -1.50
C LEU A 296 -14.96 14.83 -2.44
N SER A 297 -13.90 14.02 -2.40
CA SER A 297 -13.88 12.83 -3.25
C SER A 297 -15.00 11.84 -2.92
N ALA A 298 -15.44 11.82 -1.65
CA ALA A 298 -16.55 10.96 -1.20
C ALA A 298 -17.95 11.57 -1.39
N GLY A 299 -17.98 12.80 -1.90
CA GLY A 299 -19.24 13.53 -2.08
C GLY A 299 -19.96 13.94 -0.78
N VAL A 300 -19.21 14.13 0.29
CA VAL A 300 -19.86 14.35 1.60
C VAL A 300 -19.81 15.84 2.00
N PRO A 301 -20.96 16.42 2.42
CA PRO A 301 -20.99 17.77 2.98
C PRO A 301 -20.03 17.89 4.18
N GLN A 302 -19.41 19.05 4.35
CA GLN A 302 -18.47 19.22 5.43
C GLN A 302 -18.68 20.49 6.20
N LEU A 303 -18.37 20.45 7.49
CA LEU A 303 -18.17 21.65 8.29
C LEU A 303 -16.68 21.79 8.50
N LEU A 304 -16.15 22.90 8.02
CA LEU A 304 -14.71 23.15 8.04
C LEU A 304 -14.39 24.20 9.09
N ILE A 305 -13.52 23.86 10.03
CA ILE A 305 -13.14 24.83 11.07
C ILE A 305 -11.62 25.08 11.01
N PRO A 306 -11.18 25.83 9.98
CA PRO A 306 -9.74 25.94 9.74
C PRO A 306 -9.01 26.65 10.85
N LYS A 307 -7.93 26.03 11.32
CA LYS A 307 -7.12 26.62 12.38
C LYS A 307 -5.68 26.72 11.87
N GLY A 308 -5.27 27.94 11.53
CA GLY A 308 -4.08 28.16 10.73
C GLY A 308 -4.44 29.00 9.53
N SER A 309 -3.78 30.14 9.39
CA SER A 309 -4.06 31.14 8.38
C SER A 309 -4.10 30.59 6.94
N VAL A 310 -3.11 29.79 6.57
CA VAL A 310 -3.06 29.22 5.22
C VAL A 310 -4.21 28.26 4.91
N LEU A 311 -4.88 27.75 5.95
CA LEU A 311 -5.97 26.79 5.76
C LEU A 311 -7.33 27.47 5.53
N GLU A 312 -7.41 28.75 5.88
CA GLU A 312 -8.67 29.51 5.84
C GLU A 312 -9.22 29.73 4.42
N ALA A 313 -8.43 30.34 3.55
CA ALA A 313 -8.90 30.61 2.18
C ALA A 313 -9.35 29.35 1.39
N PRO A 314 -8.56 28.25 1.44
CA PRO A 314 -9.07 27.02 0.81
C PRO A 314 -10.39 26.51 1.41
N ALA A 315 -10.54 26.61 2.73
CA ALA A 315 -11.79 26.17 3.35
C ALA A 315 -12.96 27.06 2.86
N ARG A 316 -12.74 28.38 2.80
CA ARG A 316 -13.80 29.26 2.32
C ARG A 316 -14.14 28.97 0.84
N ARG A 317 -13.16 28.59 0.02
CA ARG A 317 -13.46 28.25 -1.39
C ARG A 317 -14.46 27.11 -1.51
N VAL A 318 -14.33 26.10 -0.66
CA VAL A 318 -15.25 24.98 -0.69
C VAL A 318 -16.65 25.44 -0.24
N ALA A 319 -16.72 26.26 0.80
CA ALA A 319 -18.04 26.79 1.23
C ALA A 319 -18.71 27.71 0.21
N ASP A 320 -17.90 28.58 -0.40
CA ASP A 320 -18.35 29.51 -1.44
C ASP A 320 -18.88 28.74 -2.66
N TYR A 321 -18.24 27.62 -2.97
CA TYR A 321 -18.71 26.67 -3.95
C TYR A 321 -20.09 26.10 -3.56
N GLY A 322 -20.32 25.90 -2.26
CA GLY A 322 -21.63 25.44 -1.80
C GLY A 322 -21.60 24.04 -1.21
N ALA A 323 -20.42 23.42 -1.11
CA ALA A 323 -20.31 22.04 -0.65
C ALA A 323 -19.99 21.90 0.85
N ALA A 324 -19.82 23.04 1.52
CA ALA A 324 -19.43 23.05 2.92
C ALA A 324 -19.96 24.32 3.58
N ILE A 325 -19.88 24.35 4.91
CA ILE A 325 -19.92 25.62 5.61
C ILE A 325 -18.54 25.74 6.27
N ALA A 326 -17.97 26.94 6.22
CA ALA A 326 -16.68 27.16 6.84
C ALA A 326 -16.80 28.22 7.92
N LEU A 327 -16.34 27.85 9.11
CA LEU A 327 -16.33 28.74 10.25
C LEU A 327 -14.88 29.12 10.54
N LEU A 328 -14.57 30.35 10.19
CA LEU A 328 -13.23 30.91 10.36
C LEU A 328 -13.10 31.54 11.74
N PRO A 329 -11.87 31.89 12.17
CA PRO A 329 -11.71 32.40 13.54
C PRO A 329 -12.71 33.51 13.88
N GLY A 330 -13.36 33.38 15.03
CA GLY A 330 -14.37 34.34 15.49
C GLY A 330 -15.79 34.00 15.06
N GLU A 331 -15.92 33.09 14.09
CA GLU A 331 -17.23 32.62 13.62
C GLU A 331 -17.65 31.30 14.25
N ASP A 332 -16.76 30.66 14.99
CA ASP A 332 -16.99 29.27 15.43
C ASP A 332 -17.58 29.14 16.83
N SER A 333 -18.71 29.79 17.05
CA SER A 333 -19.34 29.73 18.35
C SER A 333 -20.06 28.39 18.51
N THR A 334 -20.29 28.01 19.76
CA THR A 334 -21.14 26.87 20.11
C THR A 334 -22.38 26.79 19.21
N GLU A 335 -23.16 27.87 19.21
CA GLU A 335 -24.41 27.98 18.44
C GLU A 335 -24.17 27.91 16.93
N ALA A 336 -23.14 28.61 16.45
CA ALA A 336 -22.79 28.57 15.02
C ALA A 336 -22.50 27.13 14.54
N ILE A 337 -21.72 26.40 15.34
CA ILE A 337 -21.37 25.01 15.04
C ILE A 337 -22.61 24.10 14.99
N ALA A 338 -23.45 24.20 16.01
CA ALA A 338 -24.72 23.46 16.05
C ALA A 338 -25.60 23.82 14.84
N ASP A 339 -25.83 25.11 14.62
CA ASP A 339 -26.65 25.55 13.49
C ASP A 339 -26.07 25.08 12.15
N SER A 340 -24.75 25.10 12.02
CA SER A 340 -24.13 24.68 10.78
C SER A 340 -24.34 23.20 10.51
N CYS A 341 -24.07 22.35 11.51
CA CYS A 341 -24.38 20.91 11.37
C CYS A 341 -25.85 20.67 11.04
N GLN A 342 -26.75 21.40 11.69
CA GLN A 342 -28.18 21.28 11.40
C GLN A 342 -28.49 21.51 9.92
N GLU A 343 -27.91 22.56 9.36
CA GLU A 343 -28.17 22.96 7.98
C GLU A 343 -27.52 22.03 6.95
N LEU A 344 -26.29 21.59 7.23
CA LEU A 344 -25.58 20.60 6.41
C LEU A 344 -26.30 19.27 6.34
N GLN A 345 -26.93 18.95 7.45
CA GLN A 345 -27.69 17.73 7.67
C GLN A 345 -29.04 17.75 6.99
N ALA A 346 -29.61 18.95 6.88
CA ALA A 346 -31.03 19.10 6.60
C ALA A 346 -31.35 19.79 5.27
N LYS A 347 -30.34 20.41 4.65
CA LYS A 347 -30.50 21.04 3.35
C LYS A 347 -29.67 20.29 2.30
N ASP A 348 -30.33 19.72 1.30
CA ASP A 348 -29.60 18.86 0.36
C ASP A 348 -28.74 19.60 -0.69
N THR A 349 -28.81 20.93 -0.71
CA THR A 349 -27.93 21.70 -1.59
C THR A 349 -26.45 21.43 -1.35
N TYR A 350 -26.07 21.27 -0.08
CA TYR A 350 -24.68 20.96 0.28
C TYR A 350 -24.24 19.61 -0.27
N ALA A 351 -25.09 18.60 -0.10
CA ALA A 351 -24.81 17.25 -0.58
C ALA A 351 -24.70 17.26 -2.11
N ARG A 352 -25.66 17.91 -2.78
CA ARG A 352 -25.58 18.13 -4.23
C ARG A 352 -24.23 18.69 -4.74
N ARG A 353 -23.76 19.76 -4.09
CA ARG A 353 -22.52 20.43 -4.51
C ARG A 353 -21.29 19.61 -4.13
N ALA A 354 -21.36 18.94 -2.97
CA ALA A 354 -20.31 18.01 -2.62
C ALA A 354 -20.17 16.89 -3.67
N GLN A 355 -21.29 16.34 -4.11
CA GLN A 355 -21.34 15.36 -5.21
C GLN A 355 -20.86 15.91 -6.55
N ASP A 356 -21.26 17.14 -6.91
CA ASP A 356 -20.71 17.83 -8.10
C ASP A 356 -19.18 17.83 -8.04
N LEU A 357 -18.62 18.22 -6.89
CA LEU A 357 -17.16 18.21 -6.76
C LEU A 357 -16.54 16.81 -6.81
N SER A 358 -17.21 15.82 -6.22
CA SER A 358 -16.77 14.42 -6.28
C SER A 358 -16.67 13.98 -7.75
N ARG A 359 -17.71 14.31 -8.52
CA ARG A 359 -17.70 13.95 -9.95
C ARG A 359 -16.53 14.61 -10.71
N GLU A 360 -16.18 15.83 -10.32
CA GLU A 360 -15.07 16.55 -10.93
C GLU A 360 -13.74 15.89 -10.57
N ILE A 361 -13.59 15.50 -9.32
CA ILE A 361 -12.39 14.79 -8.88
C ILE A 361 -12.28 13.46 -9.61
N SER A 362 -13.40 12.73 -9.75
CA SER A 362 -13.36 11.47 -10.43
C SER A 362 -13.10 11.57 -11.95
N GLY A 363 -13.25 12.75 -12.55
CA GLY A 363 -12.80 12.94 -13.93
C GLY A 363 -11.31 13.29 -14.11
N MET A 364 -10.61 13.53 -13.00
CA MET A 364 -9.20 13.89 -13.08
C MET A 364 -8.33 12.67 -13.36
N PRO A 365 -7.15 12.87 -13.98
CA PRO A 365 -6.32 11.71 -14.34
C PRO A 365 -5.86 10.87 -13.16
N LEU A 366 -5.86 9.56 -13.35
CA LEU A 366 -5.44 8.63 -12.30
C LEU A 366 -3.94 8.69 -12.06
N PRO A 367 -3.50 8.53 -10.78
CA PRO A 367 -2.07 8.43 -10.44
C PRO A 367 -1.29 7.51 -11.40
N ALA A 368 -1.85 6.35 -11.78
CA ALA A 368 -1.16 5.40 -12.65
C ALA A 368 -0.75 6.04 -13.98
N THR A 369 -1.58 6.98 -14.45
CA THR A 369 -1.32 7.68 -15.70
C THR A 369 -0.23 8.75 -15.55
N VAL A 370 -0.08 9.28 -14.34
CA VAL A 370 1.02 10.21 -14.03
C VAL A 370 2.36 9.50 -13.86
N VAL A 371 2.34 8.20 -13.55
CA VAL A 371 3.61 7.46 -13.54
C VAL A 371 4.24 7.55 -14.95
N THR A 372 3.41 7.56 -16.01
CA THR A 372 3.95 7.67 -17.38
C THR A 372 4.71 9.00 -17.54
N ALA A 373 4.14 10.05 -17.01
CA ALA A 373 4.79 11.35 -17.03
C ALA A 373 6.13 11.32 -16.30
N LEU A 374 6.23 10.60 -15.17
CA LEU A 374 7.51 10.54 -14.46
C LEU A 374 8.52 9.82 -15.31
N GLU A 375 8.08 8.75 -15.97
CA GLU A 375 9.01 7.99 -16.81
C GLU A 375 9.51 8.85 -17.97
N GLN A 376 8.59 9.62 -18.56
CA GLN A 376 8.93 10.47 -19.72
C GLN A 376 9.90 11.56 -19.30
N LEU A 377 9.66 12.14 -18.14
CA LEU A 377 10.56 13.15 -17.55
C LEU A 377 11.98 12.64 -17.37
N ALA A 378 12.15 11.46 -16.79
CA ALA A 378 13.50 10.98 -16.54
C ALA A 378 14.18 10.56 -17.85
N HIS A 379 13.41 10.02 -18.80
CA HIS A 379 13.98 9.55 -20.08
C HIS A 379 14.56 10.76 -20.83
N HIS A 380 13.84 11.88 -20.78
CA HIS A 380 14.26 13.13 -21.42
C HIS A 380 15.50 13.75 -20.76
N HIS A 381 15.55 13.74 -19.43
CA HIS A 381 16.76 14.21 -18.72
C HIS A 381 17.95 13.30 -18.94
N HIS A 382 17.75 11.99 -18.76
CA HIS A 382 18.85 11.01 -18.82
C HIS A 382 19.09 10.46 -20.24
N MET B 1 -16.21 1.60 -8.00
CA MET B 1 -16.73 0.24 -7.66
C MET B 1 -16.28 -0.15 -6.26
N ARG B 2 -17.00 -1.11 -5.66
CA ARG B 2 -16.56 -1.85 -4.49
C ARG B 2 -15.99 -3.21 -4.90
N ILE B 3 -14.72 -3.46 -4.60
CA ILE B 3 -14.07 -4.70 -4.97
C ILE B 3 -13.54 -5.45 -3.73
N LEU B 4 -14.05 -6.65 -3.53
CA LEU B 4 -13.52 -7.56 -2.53
C LEU B 4 -12.42 -8.47 -3.13
N PHE B 5 -11.20 -8.42 -2.57
CA PHE B 5 -10.15 -9.37 -2.96
C PHE B 5 -10.14 -10.44 -1.88
N VAL B 6 -9.87 -11.69 -2.26
CA VAL B 6 -9.74 -12.78 -1.28
C VAL B 6 -8.39 -13.49 -1.45
N ALA B 7 -7.50 -13.32 -0.48
CA ALA B 7 -6.25 -14.05 -0.50
C ALA B 7 -6.57 -15.28 0.33
N ALA B 8 -5.71 -15.65 1.27
CA ALA B 8 -5.85 -16.95 1.96
C ALA B 8 -5.01 -16.92 3.23
N GLY B 9 -4.29 -18.01 3.48
CA GLY B 9 -3.75 -18.22 4.80
C GLY B 9 -2.27 -17.97 4.96
N SER B 10 -1.59 -17.64 3.85
CA SER B 10 -0.14 -17.37 3.91
C SER B 10 0.18 -16.02 3.27
N PRO B 11 1.24 -15.36 3.76
CA PRO B 11 1.59 -14.01 3.29
C PRO B 11 1.72 -13.92 1.79
N ALA B 12 2.27 -14.96 1.17
CA ALA B 12 2.47 -15.00 -0.26
C ALA B 12 1.17 -14.79 -1.05
N THR B 13 0.05 -15.29 -0.52
CA THR B 13 -1.24 -15.13 -1.18
C THR B 13 -1.69 -13.67 -1.15
N VAL B 14 -1.35 -12.99 -0.05
CA VAL B 14 -1.56 -11.55 0.12
C VAL B 14 -0.63 -10.77 -0.78
N PHE B 15 0.69 -11.03 -0.71
CA PHE B 15 1.61 -10.28 -1.56
C PHE B 15 1.27 -10.44 -3.06
N ALA B 16 0.87 -11.63 -3.50
CA ALA B 16 0.56 -11.89 -4.92
C ALA B 16 -0.55 -11.02 -5.46
N LEU B 17 -1.57 -10.78 -4.63
CA LEU B 17 -2.75 -10.01 -5.01
C LEU B 17 -2.60 -8.50 -4.77
N ALA B 18 -1.55 -8.12 -4.02
CA ALA B 18 -1.41 -6.75 -3.55
C ALA B 18 -1.22 -5.71 -4.64
N PRO B 19 -0.41 -6.03 -5.69
CA PRO B 19 -0.24 -5.07 -6.79
C PRO B 19 -1.57 -4.70 -7.44
N LEU B 20 -2.37 -5.69 -7.81
CA LEU B 20 -3.68 -5.41 -8.39
C LEU B 20 -4.64 -4.74 -7.40
N ALA B 21 -4.73 -5.24 -6.18
CA ALA B 21 -5.60 -4.61 -5.17
C ALA B 21 -5.24 -3.12 -4.90
N THR B 22 -3.94 -2.83 -4.73
CA THR B 22 -3.54 -1.43 -4.52
C THR B 22 -3.70 -0.60 -5.79
N ALA B 23 -3.51 -1.22 -6.95
CA ALA B 23 -3.75 -0.52 -8.23
C ALA B 23 -5.24 -0.15 -8.34
N ALA B 24 -6.10 -1.05 -7.89
CA ALA B 24 -7.53 -0.72 -7.90
C ALA B 24 -7.86 0.41 -6.95
N ARG B 25 -7.26 0.38 -5.74
CA ARG B 25 -7.39 1.46 -4.80
C ARG B 25 -6.93 2.79 -5.39
N ASN B 26 -5.77 2.76 -6.04
CA ASN B 26 -5.19 3.92 -6.74
C ASN B 26 -6.04 4.47 -7.90
N ALA B 27 -6.96 3.64 -8.41
CA ALA B 27 -7.89 4.04 -9.47
C ALA B 27 -9.20 4.58 -8.89
N GLY B 28 -9.28 4.68 -7.56
CA GLY B 28 -10.43 5.34 -6.92
C GLY B 28 -11.50 4.40 -6.37
N HIS B 29 -11.27 3.10 -6.50
CA HIS B 29 -12.21 2.10 -6.03
C HIS B 29 -12.10 1.87 -4.52
N GLN B 30 -13.21 1.43 -3.93
CA GLN B 30 -13.23 0.98 -2.54
C GLN B 30 -12.77 -0.47 -2.53
N VAL B 31 -11.66 -0.74 -1.87
CA VAL B 31 -11.04 -2.06 -1.93
C VAL B 31 -10.95 -2.63 -0.52
N VAL B 32 -11.31 -3.90 -0.35
CA VAL B 32 -11.07 -4.60 0.91
C VAL B 32 -10.36 -5.92 0.55
N MET B 33 -9.45 -6.38 1.38
CA MET B 33 -8.89 -7.71 1.17
C MET B 33 -9.20 -8.63 2.35
N ALA B 34 -9.74 -9.80 2.03
CA ALA B 34 -10.08 -10.78 3.03
C ALA B 34 -9.02 -11.88 2.98
N ALA B 35 -8.68 -12.38 4.16
CA ALA B 35 -7.62 -13.37 4.34
C ALA B 35 -7.78 -13.93 5.77
N ASN B 36 -7.07 -15.00 6.08
CA ASN B 36 -7.11 -15.50 7.46
C ASN B 36 -6.80 -14.40 8.46
N GLN B 37 -7.42 -14.47 9.65
CA GLN B 37 -7.17 -13.47 10.67
C GLN B 37 -5.66 -13.23 10.89
N ASP B 38 -4.87 -14.30 10.96
CA ASP B 38 -3.42 -14.14 11.24
C ASP B 38 -2.65 -13.42 10.11
N MET B 39 -3.28 -13.27 8.95
CA MET B 39 -2.74 -12.45 7.83
C MET B 39 -3.19 -10.98 7.84
N GLY B 40 -4.09 -10.63 8.76
CA GLY B 40 -4.59 -9.26 8.86
C GLY B 40 -3.47 -8.22 8.83
N PRO B 41 -2.43 -8.41 9.65
CA PRO B 41 -1.22 -7.57 9.66
C PRO B 41 -0.49 -7.50 8.32
N VAL B 42 -0.40 -8.61 7.59
CA VAL B 42 0.13 -8.58 6.23
C VAL B 42 -0.72 -7.68 5.31
N VAL B 43 -2.04 -7.87 5.32
CA VAL B 43 -2.96 -7.08 4.51
C VAL B 43 -2.82 -5.57 4.83
N THR B 44 -2.88 -5.23 6.12
CA THR B 44 -2.76 -3.83 6.49
C THR B 44 -1.37 -3.26 6.15
N GLY B 45 -0.33 -4.09 6.24
CA GLY B 45 1.05 -3.71 5.87
C GLY B 45 1.34 -3.55 4.38
N VAL B 46 0.37 -3.84 3.51
CA VAL B 46 0.45 -3.45 2.09
C VAL B 46 -0.45 -2.24 1.79
N GLY B 47 -1.08 -1.69 2.84
CA GLY B 47 -1.92 -0.49 2.70
C GLY B 47 -3.38 -0.69 2.37
N LEU B 48 -3.89 -1.88 2.66
CA LEU B 48 -5.28 -2.21 2.40
C LEU B 48 -6.08 -2.51 3.67
N PRO B 49 -7.39 -2.19 3.66
CA PRO B 49 -8.28 -2.58 4.74
C PRO B 49 -8.43 -4.12 4.74
N ALA B 50 -8.41 -4.68 5.95
CA ALA B 50 -8.39 -6.14 6.15
C ALA B 50 -9.69 -6.64 6.70
N VAL B 51 -10.09 -7.83 6.23
CA VAL B 51 -11.23 -8.52 6.79
C VAL B 51 -10.79 -10.01 7.01
N ALA B 52 -11.32 -10.66 8.03
CA ALA B 52 -10.95 -12.04 8.34
C ALA B 52 -11.94 -13.02 7.74
N THR B 53 -11.44 -13.97 6.96
CA THR B 53 -12.28 -15.05 6.45
C THR B 53 -12.57 -16.04 7.55
N THR B 54 -11.58 -16.23 8.43
CA THR B 54 -11.60 -17.20 9.51
C THR B 54 -10.51 -16.85 10.54
N ASP B 55 -10.64 -17.37 11.78
CA ASP B 55 -9.62 -17.18 12.81
C ASP B 55 -8.83 -18.45 13.04
N LEU B 56 -9.17 -19.49 12.31
CA LEU B 56 -8.45 -20.77 12.42
C LEU B 56 -7.28 -20.80 11.43
N PRO B 57 -6.12 -21.34 11.87
CA PRO B 57 -5.00 -21.40 10.93
C PRO B 57 -5.22 -22.55 9.93
N ILE B 58 -4.80 -22.31 8.70
CA ILE B 58 -5.16 -23.17 7.56
C ILE B 58 -4.87 -24.67 7.75
N ARG B 59 -3.83 -24.99 8.52
CA ARG B 59 -3.46 -26.37 8.79
C ARG B 59 -4.51 -27.10 9.63
N HIS B 60 -5.33 -26.34 10.35
CA HIS B 60 -6.44 -26.91 11.14
C HIS B 60 -7.65 -27.36 10.31
N PHE B 61 -7.67 -27.02 9.02
CA PHE B 61 -8.71 -27.52 8.11
C PHE B 61 -8.40 -28.83 7.37
N ILE B 62 -7.26 -29.45 7.65
CA ILE B 62 -7.06 -30.79 7.14
C ILE B 62 -7.82 -31.75 8.07
N THR B 63 -8.60 -32.68 7.50
CA THR B 63 -9.47 -33.53 8.32
C THR B 63 -8.73 -34.80 8.75
N THR B 64 -9.33 -35.56 9.67
CA THR B 64 -8.70 -36.77 10.19
C THR B 64 -9.23 -38.03 9.51
N ASP B 65 -8.52 -39.16 9.69
CA ASP B 65 -8.87 -40.42 9.06
C ASP B 65 -10.09 -41.04 9.75
N ARG B 66 -10.45 -42.27 9.39
CA ARG B 66 -11.63 -42.95 9.96
C ARG B 66 -11.58 -42.98 11.48
N GLU B 67 -10.37 -43.14 12.03
CA GLU B 67 -10.19 -43.34 13.46
C GLU B 67 -9.68 -42.10 14.21
N GLY B 68 -9.80 -40.94 13.58
CA GLY B 68 -9.51 -39.68 14.25
C GLY B 68 -8.10 -39.11 14.11
N ARG B 69 -7.16 -39.93 13.64
CA ARG B 69 -5.78 -39.47 13.38
C ARG B 69 -5.65 -38.60 12.13
N PRO B 70 -4.88 -37.48 12.23
CA PRO B 70 -4.79 -36.49 11.15
C PRO B 70 -4.32 -37.11 9.82
N GLU B 71 -4.82 -36.58 8.71
CA GLU B 71 -4.66 -37.27 7.43
C GLU B 71 -3.31 -37.03 6.79
N ALA B 72 -2.64 -38.12 6.44
CA ALA B 72 -1.34 -38.07 5.79
C ALA B 72 -1.45 -37.50 4.37
N ILE B 73 -0.52 -36.63 4.00
CA ILE B 73 -0.37 -36.21 2.59
C ILE B 73 0.20 -37.37 1.73
N PRO B 74 -0.58 -37.80 0.72
CA PRO B 74 -0.14 -38.94 -0.11
C PRO B 74 1.01 -38.49 -1.02
N SER B 75 1.86 -39.42 -1.45
CA SER B 75 3.08 -39.03 -2.19
C SER B 75 2.86 -38.77 -3.69
N ASP B 76 2.06 -39.61 -4.34
CA ASP B 76 1.69 -39.43 -5.75
C ASP B 76 1.29 -37.98 -6.08
N PRO B 77 1.94 -37.36 -7.08
CA PRO B 77 1.71 -35.98 -7.52
C PRO B 77 0.24 -35.63 -7.76
N VAL B 78 -0.46 -36.50 -8.49
CA VAL B 78 -1.90 -36.32 -8.72
C VAL B 78 -2.63 -36.32 -7.38
N ALA B 79 -2.29 -37.27 -6.51
CA ALA B 79 -2.95 -37.40 -5.21
C ALA B 79 -2.76 -36.18 -4.31
N GLN B 80 -1.52 -35.67 -4.24
CA GLN B 80 -1.19 -34.43 -3.52
C GLN B 80 -1.98 -33.25 -4.04
N ALA B 81 -2.01 -33.10 -5.36
CA ALA B 81 -2.72 -31.95 -5.94
C ALA B 81 -4.19 -31.99 -5.55
N ARG B 82 -4.80 -33.15 -5.69
CA ARG B 82 -6.22 -33.33 -5.38
C ARG B 82 -6.49 -33.08 -3.88
N PHE B 83 -5.62 -33.59 -3.02
CA PHE B 83 -5.65 -33.37 -1.57
C PHE B 83 -5.60 -31.86 -1.23
N THR B 84 -4.70 -31.15 -1.89
CA THR B 84 -4.55 -29.69 -1.73
C THR B 84 -5.80 -28.92 -2.12
N GLY B 85 -6.41 -29.31 -3.24
CA GLY B 85 -7.68 -28.70 -3.63
C GLY B 85 -8.79 -28.98 -2.64
N ARG B 86 -8.89 -30.22 -2.16
CA ARG B 86 -9.87 -30.55 -1.13
C ARG B 86 -9.63 -29.74 0.15
N TRP B 87 -8.39 -29.63 0.58
CA TRP B 87 -8.04 -28.89 1.78
C TRP B 87 -8.41 -27.39 1.70
N PHE B 88 -8.03 -26.73 0.62
CA PHE B 88 -8.44 -25.34 0.42
C PHE B 88 -9.94 -25.13 0.24
N ALA B 89 -10.61 -26.09 -0.39
CA ALA B 89 -12.04 -26.02 -0.58
C ALA B 89 -12.80 -26.19 0.74
N ARG B 90 -12.31 -27.06 1.60
CA ARG B 90 -12.88 -27.25 2.92
C ARG B 90 -12.77 -25.95 3.68
N MET B 91 -11.61 -25.31 3.63
CA MET B 91 -11.43 -24.00 4.24
C MET B 91 -12.45 -22.98 3.70
N ALA B 92 -12.57 -22.91 2.38
CA ALA B 92 -13.54 -22.06 1.71
C ALA B 92 -14.98 -22.29 2.20
N ALA B 93 -15.39 -23.57 2.25
CA ALA B 93 -16.76 -23.91 2.58
C ALA B 93 -17.02 -23.47 4.02
N SER B 94 -16.06 -23.71 4.92
CA SER B 94 -16.18 -23.29 6.33
C SER B 94 -16.31 -21.78 6.50
N SER B 95 -15.65 -21.00 5.64
CA SER B 95 -15.70 -19.54 5.74
C SER B 95 -16.90 -18.90 5.00
N LEU B 96 -17.63 -19.69 4.22
CA LEU B 96 -18.75 -19.13 3.43
C LEU B 96 -19.83 -18.36 4.26
N PRO B 97 -20.35 -18.95 5.36
CA PRO B 97 -21.25 -18.14 6.22
C PRO B 97 -20.73 -16.79 6.72
N ARG B 98 -19.50 -16.74 7.21
CA ARG B 98 -18.99 -15.49 7.74
C ARG B 98 -18.81 -14.50 6.59
N MET B 99 -18.30 -14.99 5.46
CA MET B 99 -18.02 -14.12 4.32
C MET B 99 -19.28 -13.66 3.60
N LEU B 100 -20.30 -14.48 3.62
CA LEU B 100 -21.57 -14.13 3.02
C LEU B 100 -22.24 -12.99 3.80
N ASP B 101 -22.23 -13.10 5.13
CA ASP B 101 -22.73 -12.03 6.01
C ASP B 101 -21.97 -10.73 5.76
N PHE B 102 -20.66 -10.83 5.62
CA PHE B 102 -19.90 -9.64 5.34
C PHE B 102 -20.28 -9.06 3.99
N SER B 103 -20.29 -9.92 2.97
CA SER B 103 -20.49 -9.48 1.56
C SER B 103 -21.89 -8.90 1.32
N ARG B 104 -22.91 -9.46 1.98
CA ARG B 104 -24.28 -8.92 1.94
C ARG B 104 -24.36 -7.52 2.55
N ALA B 105 -23.53 -7.24 3.55
CA ALA B 105 -23.43 -5.93 4.21
C ALA B 105 -22.60 -4.92 3.43
N TRP B 106 -21.46 -5.37 2.90
CA TRP B 106 -20.52 -4.48 2.21
C TRP B 106 -20.91 -4.23 0.76
N ARG B 107 -21.54 -5.22 0.14
CA ARG B 107 -22.01 -5.14 -1.25
C ARG B 107 -20.91 -4.91 -2.31
N PRO B 108 -20.00 -5.89 -2.47
CA PRO B 108 -18.99 -5.77 -3.53
C PRO B 108 -19.65 -5.86 -4.90
N ASP B 109 -19.09 -5.11 -5.83
CA ASP B 109 -19.59 -5.14 -7.22
C ASP B 109 -18.82 -6.22 -8.00
N LEU B 110 -17.71 -6.68 -7.43
CA LEU B 110 -16.80 -7.61 -8.09
C LEU B 110 -16.02 -8.33 -7.01
N ILE B 111 -15.73 -9.61 -7.19
CA ILE B 111 -14.93 -10.36 -6.22
C ILE B 111 -13.73 -10.89 -6.97
N VAL B 112 -12.53 -10.65 -6.42
CA VAL B 112 -11.30 -11.18 -7.00
C VAL B 112 -10.65 -12.16 -6.04
N GLY B 113 -10.43 -13.38 -6.48
CA GLY B 113 -9.76 -14.32 -5.58
C GLY B 113 -8.49 -14.87 -6.18
N GLY B 114 -7.58 -15.30 -5.31
CA GLY B 114 -6.44 -16.07 -5.76
C GLY B 114 -6.88 -17.46 -6.22
N THR B 115 -5.97 -18.18 -6.85
CA THR B 115 -6.27 -19.48 -7.50
C THR B 115 -7.12 -20.44 -6.62
N MET B 116 -6.71 -20.67 -5.38
CA MET B 116 -7.40 -21.61 -4.49
C MET B 116 -8.18 -20.89 -3.37
N SER B 117 -8.57 -19.63 -3.65
CA SER B 117 -9.42 -18.83 -2.77
C SER B 117 -10.87 -19.12 -3.16
N TYR B 118 -11.30 -20.38 -3.00
CA TYR B 118 -12.58 -20.83 -3.52
C TYR B 118 -13.81 -20.13 -2.94
N VAL B 119 -13.67 -19.48 -1.79
CA VAL B 119 -14.85 -18.76 -1.26
C VAL B 119 -15.21 -17.61 -2.23
N ALA B 120 -14.21 -17.12 -2.99
CA ALA B 120 -14.43 -16.00 -3.91
C ALA B 120 -15.51 -16.32 -4.98
N PRO B 121 -15.33 -17.38 -5.81
CA PRO B 121 -16.41 -17.72 -6.76
C PRO B 121 -17.73 -18.11 -6.12
N LEU B 122 -17.68 -18.82 -4.99
CA LEU B 122 -18.91 -19.12 -4.25
C LEU B 122 -19.69 -17.88 -3.83
N LEU B 123 -18.99 -16.88 -3.30
CA LEU B 123 -19.62 -15.61 -2.90
C LEU B 123 -20.24 -14.90 -4.12
N ALA B 124 -19.46 -14.86 -5.19
CA ALA B 124 -19.86 -14.20 -6.43
C ALA B 124 -21.12 -14.83 -6.95
N LEU B 125 -21.20 -16.16 -6.88
CA LEU B 125 -22.39 -16.87 -7.32
C LEU B 125 -23.60 -16.56 -6.43
N HIS B 126 -23.37 -16.46 -5.12
CA HIS B 126 -24.44 -16.15 -4.19
C HIS B 126 -24.98 -14.72 -4.36
N LEU B 127 -24.08 -13.78 -4.58
CA LEU B 127 -24.46 -12.37 -4.66
C LEU B 127 -24.87 -11.93 -6.05
N GLY B 128 -24.65 -12.79 -7.05
CA GLY B 128 -24.90 -12.44 -8.45
C GLY B 128 -23.99 -11.36 -9.01
N VAL B 129 -22.71 -11.41 -8.68
CA VAL B 129 -21.74 -10.47 -9.19
C VAL B 129 -20.60 -11.26 -9.88
N PRO B 130 -19.80 -10.60 -10.76
CA PRO B 130 -18.68 -11.28 -11.42
C PRO B 130 -17.54 -11.68 -10.50
N HIS B 131 -16.83 -12.74 -10.93
CA HIS B 131 -15.67 -13.31 -10.23
C HIS B 131 -14.43 -13.27 -11.15
N ALA B 132 -13.36 -12.64 -10.69
CA ALA B 132 -12.08 -12.74 -11.35
C ALA B 132 -11.11 -13.57 -10.54
N ARG B 133 -10.31 -14.39 -11.21
CA ARG B 133 -9.35 -15.21 -10.53
C ARG B 133 -7.96 -14.77 -10.93
N GLN B 134 -7.08 -14.53 -9.96
CA GLN B 134 -5.72 -14.16 -10.32
C GLN B 134 -4.77 -15.22 -9.83
N THR B 135 -3.85 -15.65 -10.68
CA THR B 135 -2.84 -16.60 -10.24
C THR B 135 -1.87 -15.94 -9.25
N TRP B 136 -1.43 -16.68 -8.24
CA TRP B 136 -0.57 -16.08 -7.22
C TRP B 136 0.79 -16.68 -7.29
N ASP B 137 1.02 -17.39 -8.39
CA ASP B 137 2.33 -17.99 -8.75
C ASP B 137 2.26 -18.65 -10.14
N ALA B 138 3.27 -19.45 -10.46
CA ALA B 138 3.28 -20.19 -11.71
C ALA B 138 2.83 -21.69 -11.61
N VAL B 139 2.14 -22.06 -10.51
CA VAL B 139 1.71 -23.45 -10.32
C VAL B 139 0.44 -23.74 -11.12
N ASP B 140 0.48 -24.78 -11.95
CA ASP B 140 -0.72 -25.30 -12.67
C ASP B 140 -1.75 -25.86 -11.69
N ALA B 141 -2.99 -25.39 -11.78
CA ALA B 141 -4.05 -25.81 -10.88
C ALA B 141 -5.01 -26.82 -11.52
N ASP B 142 -4.68 -27.26 -12.73
CA ASP B 142 -5.41 -28.33 -13.44
C ASP B 142 -5.66 -29.58 -12.58
N GLY B 143 -4.64 -30.02 -11.81
CA GLY B 143 -4.77 -31.21 -10.94
C GLY B 143 -5.41 -30.90 -9.60
N ILE B 144 -5.54 -29.60 -9.29
CA ILE B 144 -5.98 -29.12 -7.97
C ILE B 144 -7.49 -28.86 -7.94
N HIS B 145 -8.01 -28.21 -9.00
CA HIS B 145 -9.40 -27.78 -9.04
C HIS B 145 -10.43 -28.91 -8.99
N PRO B 146 -10.13 -30.09 -9.56
CA PRO B 146 -11.08 -31.20 -9.41
C PRO B 146 -11.31 -31.64 -7.97
N GLY B 147 -10.26 -31.58 -7.15
CA GLY B 147 -10.41 -31.96 -5.74
C GLY B 147 -11.30 -30.93 -5.06
N ALA B 148 -11.10 -29.67 -5.40
CA ALA B 148 -11.98 -28.62 -4.88
C ALA B 148 -13.44 -28.83 -5.28
N ASP B 149 -13.70 -29.19 -6.54
CA ASP B 149 -15.08 -29.43 -6.99
C ASP B 149 -15.74 -30.54 -6.21
N ALA B 150 -14.98 -31.62 -5.99
CA ALA B 150 -15.48 -32.76 -5.23
C ALA B 150 -15.86 -32.35 -3.81
N GLU B 151 -14.96 -31.61 -3.16
CA GLU B 151 -15.19 -31.14 -1.77
C GLU B 151 -16.39 -30.18 -1.66
N LEU B 152 -16.53 -29.30 -2.66
CA LEU B 152 -17.59 -28.27 -2.70
C LEU B 152 -18.94 -28.71 -3.31
N ARG B 153 -19.05 -29.98 -3.65
CA ARG B 153 -20.19 -30.48 -4.42
C ARG B 153 -21.54 -30.11 -3.76
N PRO B 154 -21.67 -30.30 -2.43
CA PRO B 154 -22.87 -29.82 -1.74
C PRO B 154 -23.14 -28.32 -1.87
N GLU B 155 -22.14 -27.45 -1.66
CA GLU B 155 -22.30 -26.00 -1.84
C GLU B 155 -22.67 -25.65 -3.26
N LEU B 156 -22.02 -26.30 -4.23
CA LEU B 156 -22.37 -26.14 -5.64
C LEU B 156 -23.82 -26.55 -5.95
N SER B 157 -24.27 -27.67 -5.39
CA SER B 157 -25.67 -28.08 -5.61
C SER B 157 -26.71 -27.06 -5.10
N GLU B 158 -26.46 -26.43 -3.94
CA GLU B 158 -27.33 -25.35 -3.44
C GLU B 158 -27.47 -24.28 -4.51
N LEU B 159 -26.37 -24.01 -5.24
CA LEU B 159 -26.40 -23.03 -6.32
C LEU B 159 -26.86 -23.58 -7.67
N GLY B 160 -27.28 -24.85 -7.69
CA GLY B 160 -27.79 -25.48 -8.90
C GLY B 160 -26.67 -25.77 -9.88
N LEU B 161 -25.46 -25.94 -9.36
CA LEU B 161 -24.28 -26.21 -10.19
C LEU B 161 -23.65 -27.57 -9.87
N GLU B 162 -22.93 -28.13 -10.83
CA GLU B 162 -22.34 -29.44 -10.60
C GLU B 162 -20.84 -29.30 -10.37
N ARG B 163 -20.28 -28.15 -10.76
CA ARG B 163 -18.85 -27.85 -10.64
C ARG B 163 -18.65 -26.34 -10.66
N LEU B 164 -17.49 -25.88 -10.20
CA LEU B 164 -17.21 -24.45 -10.26
C LEU B 164 -17.14 -24.04 -11.72
N PRO B 165 -17.83 -22.94 -12.07
CA PRO B 165 -17.70 -22.41 -13.43
C PRO B 165 -16.33 -21.81 -13.64
N ALA B 166 -15.98 -21.57 -14.90
CA ALA B 166 -14.78 -20.81 -15.22
C ALA B 166 -14.88 -19.41 -14.62
N PRO B 167 -13.75 -18.77 -14.25
CA PRO B 167 -13.83 -17.39 -13.75
C PRO B 167 -14.38 -16.48 -14.84
N ASP B 168 -15.06 -15.41 -14.46
CA ASP B 168 -15.56 -14.44 -15.44
C ASP B 168 -14.38 -13.71 -16.08
N LEU B 169 -13.29 -13.67 -15.34
CA LEU B 169 -12.03 -13.16 -15.86
C LEU B 169 -10.90 -13.91 -15.20
N PHE B 170 -9.99 -14.44 -16.01
CA PHE B 170 -8.85 -15.17 -15.48
C PHE B 170 -7.59 -14.33 -15.75
N ILE B 171 -6.84 -14.00 -14.70
CA ILE B 171 -5.64 -13.17 -14.80
C ILE B 171 -4.44 -14.02 -14.41
N ASP B 172 -3.45 -14.11 -15.30
CA ASP B 172 -2.28 -14.95 -15.06
C ASP B 172 -1.04 -14.09 -15.01
N ILE B 173 -0.25 -14.23 -13.93
CA ILE B 173 1.05 -13.53 -13.83
C ILE B 173 2.26 -14.37 -14.29
N CYS B 174 2.00 -15.60 -14.70
CA CYS B 174 3.06 -16.48 -15.23
C CYS B 174 3.65 -15.96 -16.55
N PRO B 175 5.00 -15.80 -16.64
CA PRO B 175 5.55 -15.38 -17.91
C PRO B 175 5.16 -16.36 -18.99
N PRO B 176 4.80 -15.87 -20.18
CA PRO B 176 4.35 -16.77 -21.28
C PRO B 176 5.28 -17.99 -21.49
N SER B 177 6.58 -17.74 -21.57
CA SER B 177 7.57 -18.81 -21.79
C SER B 177 7.54 -19.94 -20.73
N LEU B 178 6.94 -19.65 -19.57
CA LEU B 178 6.77 -20.66 -18.52
C LEU B 178 5.36 -21.22 -18.38
N ARG B 179 4.39 -20.78 -19.20
CA ARG B 179 3.03 -21.32 -19.05
C ARG B 179 2.96 -22.66 -19.78
N PRO B 180 2.07 -23.59 -19.34
CA PRO B 180 1.78 -24.81 -20.10
C PRO B 180 1.51 -24.56 -21.59
N ALA B 181 1.81 -25.56 -22.43
CA ALA B 181 1.42 -25.53 -23.84
C ALA B 181 -0.11 -25.50 -23.98
N ASN B 182 -0.81 -26.15 -23.04
CA ASN B 182 -2.27 -26.31 -23.10
C ASN B 182 -3.04 -25.16 -22.42
N ALA B 183 -2.30 -24.32 -21.70
CA ALA B 183 -2.85 -23.24 -20.86
C ALA B 183 -4.05 -22.48 -21.45
N ALA B 184 -5.02 -22.19 -20.57
CA ALA B 184 -6.17 -21.35 -20.90
C ALA B 184 -5.74 -19.92 -21.21
N PRO B 185 -6.38 -19.27 -22.22
CA PRO B 185 -6.09 -17.85 -22.46
C PRO B 185 -6.42 -17.02 -21.22
N ALA B 186 -5.57 -16.08 -20.88
CA ALA B 186 -5.72 -15.30 -19.67
C ALA B 186 -5.40 -13.86 -19.96
N ARG B 187 -5.96 -12.95 -19.16
CA ARG B 187 -5.53 -11.57 -19.17
C ARG B 187 -4.14 -11.56 -18.48
N MET B 188 -3.09 -11.32 -19.27
CA MET B 188 -1.72 -11.41 -18.76
C MET B 188 -1.40 -10.19 -17.91
N MET B 189 -0.53 -10.36 -16.91
CA MET B 189 -0.21 -9.27 -15.99
C MET B 189 1.17 -9.48 -15.42
N ARG B 190 1.93 -8.40 -15.32
CA ARG B 190 3.26 -8.43 -14.71
C ARG B 190 3.19 -8.75 -13.21
N HIS B 191 4.05 -9.67 -12.76
CA HIS B 191 4.22 -9.89 -11.33
C HIS B 191 5.06 -8.72 -10.83
N VAL B 192 4.59 -8.03 -9.83
CA VAL B 192 5.43 -7.03 -9.17
C VAL B 192 5.69 -7.48 -7.75
N ALA B 193 6.95 -7.62 -7.40
CA ALA B 193 7.34 -8.12 -6.08
C ALA B 193 6.86 -7.15 -4.99
N THR B 194 6.31 -7.70 -3.91
CA THR B 194 5.76 -6.95 -2.79
C THR B 194 6.10 -7.69 -1.48
N SER B 195 6.52 -6.96 -0.45
CA SER B 195 6.84 -7.54 0.87
C SER B 195 6.39 -6.57 1.96
N ARG B 196 6.39 -7.02 3.20
CA ARG B 196 6.23 -6.13 4.34
CA ARG B 196 6.20 -6.09 4.28
C ARG B 196 7.41 -5.17 4.36
N GLN B 197 7.17 -3.90 4.69
CA GLN B 197 8.26 -2.94 4.61
C GLN B 197 8.85 -2.53 5.94
N CYS B 198 10.10 -2.09 5.90
CA CYS B 198 10.75 -1.57 7.11
C CYS B 198 11.60 -0.36 6.70
N PRO B 199 12.09 0.42 7.68
CA PRO B 199 13.07 1.43 7.35
C PRO B 199 14.23 0.80 6.55
N LEU B 200 14.60 1.48 5.46
CA LEU B 200 15.72 1.08 4.62
C LEU B 200 17.07 1.23 5.36
N GLU B 201 17.84 0.16 5.44
CA GLU B 201 19.17 0.24 6.03
C GLU B 201 20.21 0.18 4.91
N PRO B 202 21.40 0.80 5.13
CA PRO B 202 22.42 0.91 4.09
C PRO B 202 22.78 -0.40 3.42
N TRP B 203 22.96 -1.46 4.20
CA TRP B 203 23.26 -2.75 3.60
C TRP B 203 22.26 -3.19 2.50
N MET B 204 21.01 -2.75 2.59
CA MET B 204 20.00 -3.21 1.63
C MET B 204 20.23 -2.71 0.20
N TYR B 205 20.99 -1.63 0.06
CA TYR B 205 21.28 -1.08 -1.26
C TYR B 205 22.78 -0.88 -1.48
N THR B 206 23.63 -1.42 -0.61
CA THR B 206 25.10 -1.23 -0.67
C THR B 206 25.81 -2.58 -0.66
N ARG B 207 26.44 -2.97 -1.76
CA ARG B 207 27.26 -4.18 -1.78
C ARG B 207 28.65 -4.00 -1.15
N ASP B 208 29.27 -5.10 -0.74
CA ASP B 208 30.67 -5.04 -0.37
C ASP B 208 31.47 -5.95 -1.32
N THR B 209 32.68 -6.33 -0.98
CA THR B 209 33.50 -7.05 -1.98
C THR B 209 33.01 -8.46 -2.24
N ARG B 210 32.11 -8.96 -1.37
CA ARG B 210 31.70 -10.36 -1.43
C ARG B 210 30.49 -10.58 -2.31
N GLN B 211 30.38 -11.79 -2.86
CA GLN B 211 29.15 -12.19 -3.54
C GLN B 211 28.05 -12.22 -2.47
N ARG B 212 26.84 -11.87 -2.87
CA ARG B 212 25.71 -11.77 -1.92
C ARG B 212 24.72 -12.85 -2.24
N VAL B 213 24.44 -13.67 -1.23
CA VAL B 213 23.47 -14.77 -1.38
C VAL B 213 22.36 -14.58 -0.33
N LEU B 214 21.11 -14.60 -0.79
CA LEU B 214 19.97 -14.59 0.14
C LEU B 214 19.29 -15.95 0.19
N VAL B 215 19.05 -16.42 1.41
CA VAL B 215 18.41 -17.71 1.63
C VAL B 215 17.11 -17.42 2.36
N THR B 216 16.00 -17.96 1.84
CA THR B 216 14.69 -17.94 2.54
C THR B 216 14.27 -19.37 2.83
N SER B 217 13.61 -19.58 3.98
CA SER B 217 13.12 -20.92 4.38
C SER B 217 12.02 -20.90 5.43
N GLY B 218 10.75 -21.00 5.01
CA GLY B 218 10.35 -20.97 3.62
C GLY B 218 9.29 -19.89 3.43
N ASP B 227 11.82 -29.02 13.46
CA ASP B 227 11.86 -28.04 12.39
C ASP B 227 13.19 -28.15 11.63
N ARG B 228 13.14 -28.68 10.41
CA ARG B 228 14.34 -28.80 9.61
C ARG B 228 14.47 -27.69 8.57
N ASN B 229 13.57 -26.71 8.62
CA ASN B 229 13.86 -25.41 8.04
C ASN B 229 15.10 -24.89 8.76
N PHE B 230 15.26 -25.32 10.02
CA PHE B 230 16.38 -24.89 10.86
C PHE B 230 17.68 -25.63 10.59
N ASP B 231 17.63 -26.96 10.56
CA ASP B 231 18.82 -27.80 10.29
C ASP B 231 19.45 -27.44 8.95
N PHE B 232 18.59 -27.22 7.96
CA PHE B 232 19.04 -26.85 6.62
C PHE B 232 19.71 -25.48 6.60
N LEU B 233 19.02 -24.45 7.13
CA LEU B 233 19.54 -23.07 7.10
C LEU B 233 20.90 -23.02 7.76
N ARG B 234 20.96 -23.54 8.98
CA ARG B 234 22.21 -23.63 9.73
C ARG B 234 23.31 -24.37 8.92
N GLY B 235 22.92 -25.47 8.29
CA GLY B 235 23.85 -26.34 7.58
C GLY B 235 24.41 -25.59 6.41
N LEU B 236 23.50 -25.04 5.61
CA LEU B 236 23.83 -24.26 4.44
C LEU B 236 24.66 -23.01 4.78
N ALA B 237 24.23 -22.31 5.84
CA ALA B 237 24.81 -21.04 6.26
C ALA B 237 26.26 -21.23 6.62
N LYS B 238 26.51 -22.26 7.42
CA LYS B 238 27.87 -22.69 7.68
C LYS B 238 28.69 -22.78 6.39
N ASP B 239 28.19 -23.54 5.41
CA ASP B 239 28.91 -23.73 4.13
C ASP B 239 29.21 -22.42 3.45
N LEU B 240 28.16 -21.66 3.13
CA LEU B 240 28.31 -20.43 2.35
C LEU B 240 29.28 -19.46 3.01
N VAL B 241 29.17 -19.32 4.33
CA VAL B 241 30.06 -18.47 5.13
C VAL B 241 31.56 -18.82 4.98
N ARG B 242 31.86 -20.11 4.80
CA ARG B 242 33.23 -20.57 4.52
C ARG B 242 33.86 -20.05 3.21
N TRP B 243 33.05 -19.84 2.15
CA TRP B 243 33.54 -19.35 0.84
C TRP B 243 33.63 -17.81 0.75
N ASP B 244 33.56 -17.13 1.90
CA ASP B 244 33.63 -15.67 1.96
C ASP B 244 32.47 -14.98 1.21
N VAL B 245 31.31 -15.59 1.29
CA VAL B 245 30.11 -15.06 0.74
C VAL B 245 29.44 -14.22 1.81
N GLU B 246 28.76 -13.18 1.37
CA GLU B 246 27.93 -12.39 2.25
C GLU B 246 26.55 -13.07 2.31
N LEU B 247 26.25 -13.69 3.45
CA LEU B 247 25.02 -14.49 3.61
C LEU B 247 23.93 -13.70 4.34
N ILE B 248 22.79 -13.61 3.71
CA ILE B 248 21.62 -12.92 4.25
C ILE B 248 20.52 -13.96 4.38
N VAL B 249 20.07 -14.21 5.61
CA VAL B 249 19.05 -15.19 5.87
C VAL B 249 17.72 -14.50 6.27
N ALA B 250 16.67 -14.78 5.54
CA ALA B 250 15.32 -14.26 5.81
C ALA B 250 14.52 -15.34 6.52
N ALA B 251 14.55 -15.29 7.85
CA ALA B 251 13.88 -16.24 8.71
C ALA B 251 12.86 -15.54 9.63
N PRO B 252 11.89 -16.29 10.18
CA PRO B 252 11.02 -15.63 11.18
C PRO B 252 11.77 -15.28 12.46
N ASP B 253 11.27 -14.24 13.15
CA ASP B 253 11.83 -13.77 14.42
C ASP B 253 11.83 -14.87 15.48
N THR B 254 10.98 -15.87 15.27
CA THR B 254 10.87 -17.03 16.16
C THR B 254 12.15 -17.87 16.20
N VAL B 255 12.91 -17.84 15.10
CA VAL B 255 14.17 -18.60 15.03
C VAL B 255 15.41 -17.71 14.83
N ALA B 256 15.17 -16.43 14.55
CA ALA B 256 16.24 -15.45 14.32
C ALA B 256 17.39 -15.59 15.31
N GLU B 257 17.08 -15.45 16.59
CA GLU B 257 18.11 -15.41 17.66
C GLU B 257 18.91 -16.72 17.76
N ALA B 258 18.24 -17.84 17.50
CA ALA B 258 18.89 -19.15 17.53
C ALA B 258 19.85 -19.30 16.35
N LEU B 259 19.43 -18.79 15.19
CA LEU B 259 20.23 -18.89 13.98
C LEU B 259 21.46 -17.99 14.06
N ARG B 260 21.25 -16.72 14.41
CA ARG B 260 22.34 -15.78 14.68
C ARG B 260 23.42 -16.39 15.59
N ALA B 261 22.99 -16.94 16.73
CA ALA B 261 23.93 -17.52 17.70
C ALA B 261 24.81 -18.63 17.11
N GLU B 262 24.23 -19.42 16.20
CA GLU B 262 24.93 -20.50 15.52
C GLU B 262 25.87 -19.96 14.44
N VAL B 263 25.32 -19.16 13.54
CA VAL B 263 26.09 -18.64 12.41
C VAL B 263 26.17 -17.13 12.51
N PRO B 264 27.11 -16.64 13.34
CA PRO B 264 27.18 -15.21 13.61
C PRO B 264 27.67 -14.40 12.41
N GLN B 265 28.22 -15.06 11.40
CA GLN B 265 28.63 -14.34 10.17
C GLN B 265 27.45 -13.99 9.28
N ALA B 266 26.36 -14.77 9.36
CA ALA B 266 25.20 -14.49 8.53
C ALA B 266 24.41 -13.30 9.08
N ARG B 267 23.87 -12.51 8.17
CA ARG B 267 22.94 -11.47 8.56
C ARG B 267 21.54 -12.08 8.64
N VAL B 268 21.00 -12.14 9.84
CA VAL B 268 19.76 -12.85 10.08
C VAL B 268 18.76 -11.88 10.67
N GLY B 269 17.76 -11.55 9.87
CA GLY B 269 16.74 -10.61 10.30
C GLY B 269 15.80 -10.11 9.22
N TRP B 270 15.70 -8.79 9.19
CA TRP B 270 14.58 -8.09 8.62
C TRP B 270 14.94 -7.80 7.19
N THR B 271 14.29 -8.51 6.26
CA THR B 271 14.69 -8.51 4.87
C THR B 271 13.49 -8.43 3.94
N PRO B 272 13.12 -7.22 3.51
CA PRO B 272 12.08 -7.17 2.45
C PRO B 272 12.63 -7.64 1.10
N LEU B 273 12.09 -8.75 0.61
CA LEU B 273 12.59 -9.40 -0.59
C LEU B 273 12.55 -8.50 -1.83
N ASP B 274 11.45 -7.74 -1.99
CA ASP B 274 11.30 -6.78 -3.09
C ASP B 274 12.41 -5.74 -3.11
N VAL B 275 12.86 -5.33 -1.93
CA VAL B 275 13.96 -4.36 -1.86
C VAL B 275 15.32 -5.03 -2.13
N VAL B 276 15.57 -6.15 -1.45
CA VAL B 276 16.91 -6.76 -1.39
C VAL B 276 17.23 -7.67 -2.60
N ALA B 277 16.22 -8.39 -3.09
CA ALA B 277 16.50 -9.39 -4.14
C ALA B 277 17.31 -8.87 -5.32
N PRO B 278 16.95 -7.69 -5.88
CA PRO B 278 17.68 -7.24 -7.08
C PRO B 278 19.15 -7.03 -6.81
N THR B 279 19.52 -7.05 -5.54
CA THR B 279 20.85 -6.68 -5.09
C THR B 279 21.76 -7.94 -4.93
N CYS B 280 21.12 -9.10 -5.03
CA CYS B 280 21.80 -10.36 -4.77
C CYS B 280 22.39 -10.99 -6.03
N ASP B 281 23.39 -11.86 -5.83
CA ASP B 281 23.98 -12.63 -6.92
C ASP B 281 23.26 -13.96 -7.06
N LEU B 282 22.65 -14.39 -5.96
CA LEU B 282 22.00 -15.70 -5.92
C LEU B 282 20.87 -15.64 -4.89
N LEU B 283 19.72 -16.22 -5.22
CA LEU B 283 18.70 -16.50 -4.16
C LEU B 283 18.50 -18.00 -3.97
N VAL B 284 18.35 -18.44 -2.73
CA VAL B 284 18.14 -19.88 -2.43
C VAL B 284 16.80 -19.95 -1.67
N HIS B 285 15.82 -20.65 -2.24
CA HIS B 285 14.46 -20.69 -1.66
C HIS B 285 14.20 -22.12 -1.38
N HIS B 286 13.93 -22.37 -0.11
CA HIS B 286 13.83 -23.71 0.43
C HIS B 286 12.41 -23.92 0.94
N ALA B 287 11.86 -25.11 0.70
CA ALA B 287 10.52 -25.53 1.13
C ALA B 287 9.39 -25.05 0.19
N GLY B 288 9.23 -23.72 0.13
CA GLY B 288 8.07 -23.10 -0.52
C GLY B 288 7.53 -21.92 0.27
N GLY B 289 6.67 -21.13 -0.37
CA GLY B 289 6.11 -19.91 0.19
C GLY B 289 6.39 -18.83 -0.84
N VAL B 290 7.67 -18.54 -1.03
CA VAL B 290 8.13 -17.44 -1.90
C VAL B 290 7.92 -17.73 -3.38
N SER B 291 7.58 -16.69 -4.13
CA SER B 291 7.44 -16.78 -5.56
C SER B 291 8.84 -16.86 -6.18
N THR B 292 9.04 -17.82 -7.07
CA THR B 292 10.24 -17.83 -7.86
C THR B 292 10.10 -16.66 -8.84
N LEU B 293 8.86 -16.17 -9.03
CA LEU B 293 8.67 -15.00 -9.89
C LEU B 293 9.32 -13.74 -9.37
N THR B 294 9.48 -13.58 -8.06
CA THR B 294 10.19 -12.35 -7.66
C THR B 294 11.67 -12.36 -8.01
N GLY B 295 12.33 -13.48 -7.81
CA GLY B 295 13.72 -13.61 -8.27
C GLY B 295 13.84 -13.36 -9.77
N LEU B 296 12.94 -13.95 -10.55
CA LEU B 296 12.98 -13.79 -12.01
C LEU B 296 12.75 -12.34 -12.36
N SER B 297 11.83 -11.65 -11.67
CA SER B 297 11.57 -10.26 -12.02
C SER B 297 12.78 -9.42 -11.71
N ALA B 298 13.54 -9.83 -10.69
CA ALA B 298 14.82 -9.19 -10.33
C ALA B 298 15.99 -9.62 -11.20
N GLY B 299 15.83 -10.70 -11.97
CA GLY B 299 16.88 -11.20 -12.87
C GLY B 299 18.04 -11.84 -12.14
N VAL B 300 17.77 -12.44 -10.99
CA VAL B 300 18.78 -13.09 -10.16
C VAL B 300 18.67 -14.61 -10.35
N PRO B 301 19.80 -15.31 -10.61
CA PRO B 301 19.71 -16.79 -10.66
C PRO B 301 19.22 -17.37 -9.35
N GLN B 302 18.57 -18.53 -9.39
CA GLN B 302 18.04 -19.09 -8.12
C GLN B 302 18.31 -20.54 -7.97
N LEU B 303 18.52 -20.95 -6.73
CA LEU B 303 18.54 -22.35 -6.39
C LEU B 303 17.22 -22.67 -5.73
N LEU B 304 16.42 -23.54 -6.33
CA LEU B 304 15.09 -23.86 -5.82
C LEU B 304 15.07 -25.23 -5.22
N ILE B 305 14.70 -25.29 -3.94
CA ILE B 305 14.67 -26.55 -3.23
C ILE B 305 13.23 -26.82 -2.75
N PRO B 306 12.34 -27.17 -3.71
CA PRO B 306 10.92 -27.29 -3.41
C PRO B 306 10.60 -28.54 -2.57
N LYS B 307 9.60 -28.43 -1.69
CA LYS B 307 9.14 -29.55 -0.90
C LYS B 307 7.62 -29.54 -1.01
N GLY B 308 7.09 -30.50 -1.74
CA GLY B 308 5.69 -30.47 -2.11
C GLY B 308 5.67 -30.66 -3.60
N SER B 309 5.11 -31.78 -4.03
CA SER B 309 5.08 -32.17 -5.44
C SER B 309 4.43 -31.12 -6.32
N VAL B 310 3.50 -30.36 -5.74
CA VAL B 310 2.85 -29.22 -6.37
C VAL B 310 3.86 -28.11 -6.78
N LEU B 311 4.97 -28.01 -6.03
CA LEU B 311 6.00 -27.00 -6.31
C LEU B 311 7.16 -27.48 -7.20
N GLU B 312 7.21 -28.78 -7.44
CA GLU B 312 8.30 -29.38 -8.21
C GLU B 312 8.29 -29.08 -9.71
N ALA B 313 7.18 -29.31 -10.38
CA ALA B 313 7.09 -29.04 -11.82
C ALA B 313 7.34 -27.55 -12.20
N PRO B 314 6.76 -26.58 -11.47
CA PRO B 314 7.08 -25.22 -11.79
C PRO B 314 8.52 -24.82 -11.55
N ALA B 315 9.17 -25.45 -10.55
CA ALA B 315 10.55 -25.09 -10.24
C ALA B 315 11.39 -25.75 -11.30
N ARG B 316 10.98 -26.97 -11.71
CA ARG B 316 11.58 -27.66 -12.86
C ARG B 316 11.46 -26.82 -14.13
N ARG B 317 10.30 -26.20 -14.31
CA ARG B 317 10.08 -25.32 -15.46
C ARG B 317 11.06 -24.14 -15.53
N VAL B 318 11.32 -23.49 -14.40
CA VAL B 318 12.32 -22.41 -14.36
C VAL B 318 13.73 -22.91 -14.64
N ALA B 319 14.06 -24.10 -14.15
CA ALA B 319 15.33 -24.75 -14.41
C ALA B 319 15.47 -25.13 -15.88
N ASP B 320 14.42 -25.68 -16.47
CA ASP B 320 14.43 -26.04 -17.89
C ASP B 320 14.62 -24.79 -18.75
N TYR B 321 14.03 -23.69 -18.33
CA TYR B 321 14.20 -22.46 -19.04
C TYR B 321 15.68 -22.10 -18.99
N GLY B 322 16.31 -22.39 -17.86
CA GLY B 322 17.76 -22.16 -17.68
C GLY B 322 18.07 -21.08 -16.66
N ALA B 323 17.05 -20.60 -15.94
CA ALA B 323 17.27 -19.52 -14.98
C ALA B 323 17.54 -19.97 -13.55
N ALA B 324 17.56 -21.29 -13.33
CA ALA B 324 17.64 -21.80 -11.96
C ALA B 324 18.11 -23.22 -11.96
N ILE B 325 18.54 -23.70 -10.79
CA ILE B 325 18.70 -25.12 -10.61
C ILE B 325 17.65 -25.51 -9.58
N ALA B 326 16.97 -26.65 -9.83
CA ALA B 326 15.94 -27.16 -8.94
C ALA B 326 16.45 -28.48 -8.38
N LEU B 327 16.64 -28.53 -7.07
CA LEU B 327 17.00 -29.79 -6.39
C LEU B 327 15.73 -30.36 -5.78
N LEU B 328 15.27 -31.46 -6.34
CA LEU B 328 14.07 -32.10 -5.86
C LEU B 328 14.42 -32.96 -4.63
N PRO B 329 13.42 -33.34 -3.82
CA PRO B 329 13.72 -34.09 -2.57
C PRO B 329 14.64 -35.27 -2.84
N GLY B 330 15.63 -35.48 -1.98
CA GLY B 330 16.64 -36.56 -2.17
C GLY B 330 17.85 -36.09 -2.99
N GLU B 331 17.70 -35.01 -3.75
CA GLU B 331 18.79 -34.46 -4.58
C GLU B 331 19.61 -33.38 -3.90
N ASP B 332 19.07 -32.83 -2.83
CA ASP B 332 19.69 -31.73 -2.12
C ASP B 332 20.66 -32.23 -1.04
N SER B 333 21.65 -33.02 -1.46
CA SER B 333 22.78 -33.35 -0.61
C SER B 333 23.63 -32.10 -0.38
N THR B 334 24.47 -32.12 0.64
CA THR B 334 25.35 -30.97 0.90
C THR B 334 26.22 -30.66 -0.34
N GLU B 335 26.75 -31.70 -0.97
CA GLU B 335 27.61 -31.57 -2.16
C GLU B 335 26.87 -30.95 -3.34
N ALA B 336 25.67 -31.45 -3.62
CA ALA B 336 24.82 -30.89 -4.66
C ALA B 336 24.42 -29.44 -4.39
N ILE B 337 24.09 -29.12 -3.15
CA ILE B 337 23.78 -27.73 -2.82
C ILE B 337 24.99 -26.85 -3.13
N ALA B 338 26.18 -27.31 -2.74
CA ALA B 338 27.39 -26.49 -2.86
C ALA B 338 27.78 -26.30 -4.35
N ASP B 339 27.77 -27.41 -5.11
CA ASP B 339 28.07 -27.35 -6.54
C ASP B 339 27.08 -26.46 -7.29
N SER B 340 25.80 -26.58 -6.94
CA SER B 340 24.77 -25.76 -7.57
C SER B 340 24.96 -24.27 -7.31
N CYS B 341 25.22 -23.87 -6.05
CA CYS B 341 25.51 -22.47 -5.77
C CYS B 341 26.72 -21.96 -6.56
N GLN B 342 27.77 -22.77 -6.66
CA GLN B 342 28.95 -22.34 -7.45
C GLN B 342 28.64 -22.10 -8.94
N GLU B 343 27.91 -23.03 -9.55
CA GLU B 343 27.40 -22.91 -10.92
C GLU B 343 26.53 -21.67 -11.11
N LEU B 344 25.53 -21.48 -10.23
CA LEU B 344 24.62 -20.35 -10.37
C LEU B 344 25.35 -19.03 -10.31
N GLN B 345 26.40 -19.01 -9.52
CA GLN B 345 27.18 -17.80 -9.35
C GLN B 345 28.16 -17.51 -10.46
N ALA B 346 28.54 -18.54 -11.18
CA ALA B 346 29.69 -18.40 -12.06
C ALA B 346 29.39 -18.61 -13.53
N LYS B 347 28.33 -19.34 -13.87
CA LYS B 347 28.10 -19.71 -15.27
C LYS B 347 27.27 -18.69 -16.04
N ASP B 348 27.59 -18.49 -17.32
CA ASP B 348 26.90 -17.50 -18.14
CA ASP B 348 26.89 -17.47 -18.08
C ASP B 348 25.42 -17.80 -18.32
N THR B 349 25.10 -19.04 -18.65
CA THR B 349 23.72 -19.32 -19.06
C THR B 349 22.68 -18.94 -17.99
N TYR B 350 22.92 -19.34 -16.73
CA TYR B 350 22.06 -18.95 -15.59
C TYR B 350 21.82 -17.44 -15.47
N ALA B 351 22.89 -16.66 -15.53
CA ALA B 351 22.77 -15.19 -15.45
C ALA B 351 21.97 -14.63 -16.62
N ARG B 352 22.25 -15.15 -17.82
CA ARG B 352 21.64 -14.65 -19.03
C ARG B 352 20.15 -14.99 -19.03
N ARG B 353 19.80 -16.22 -18.65
CA ARG B 353 18.37 -16.65 -18.70
C ARG B 353 17.50 -15.91 -17.68
N ALA B 354 18.06 -15.71 -16.50
CA ALA B 354 17.34 -14.99 -15.46
C ALA B 354 17.09 -13.55 -15.92
N GLN B 355 18.08 -12.96 -16.60
CA GLN B 355 17.90 -11.62 -17.18
C GLN B 355 16.88 -11.63 -18.31
N ASP B 356 16.91 -12.69 -19.13
CA ASP B 356 15.92 -12.89 -20.18
C ASP B 356 14.49 -12.93 -19.63
N LEU B 357 14.28 -13.66 -18.55
CA LEU B 357 12.98 -13.75 -17.92
C LEU B 357 12.55 -12.41 -17.27
N SER B 358 13.51 -11.69 -16.72
CA SER B 358 13.23 -10.39 -16.13
C SER B 358 12.72 -9.45 -17.22
N ARG B 359 13.37 -9.50 -18.39
CA ARG B 359 12.98 -8.68 -19.55
C ARG B 359 11.55 -9.02 -19.99
N GLU B 360 11.26 -10.32 -20.13
CA GLU B 360 9.92 -10.80 -20.43
C GLU B 360 8.85 -10.33 -19.45
N ILE B 361 9.12 -10.45 -18.14
CA ILE B 361 8.17 -10.00 -17.11
C ILE B 361 7.96 -8.49 -17.27
N SER B 362 9.03 -7.77 -17.59
CA SER B 362 8.96 -6.31 -17.64
C SER B 362 8.12 -5.81 -18.83
N GLY B 363 7.95 -6.68 -19.83
CA GLY B 363 7.13 -6.34 -21.01
C GLY B 363 5.66 -6.72 -20.85
N MET B 364 5.31 -7.33 -19.70
CA MET B 364 3.93 -7.78 -19.44
C MET B 364 3.05 -6.62 -18.96
N PRO B 365 1.73 -6.69 -19.20
CA PRO B 365 0.87 -5.57 -18.86
C PRO B 365 0.87 -5.24 -17.37
N LEU B 366 0.89 -3.94 -17.07
CA LEU B 366 0.93 -3.47 -15.68
C LEU B 366 -0.35 -3.80 -14.93
N PRO B 367 -0.26 -4.08 -13.61
CA PRO B 367 -1.50 -4.21 -12.82
C PRO B 367 -2.52 -3.06 -13.02
N ALA B 368 -2.04 -1.83 -13.19
CA ALA B 368 -2.97 -0.69 -13.34
C ALA B 368 -3.84 -0.90 -14.61
N THR B 369 -3.28 -1.56 -15.61
CA THR B 369 -4.02 -1.84 -16.87
C THR B 369 -5.04 -2.95 -16.65
N VAL B 370 -4.76 -3.86 -15.72
CA VAL B 370 -5.74 -4.93 -15.44
C VAL B 370 -6.97 -4.43 -14.64
N VAL B 371 -6.79 -3.37 -13.85
CA VAL B 371 -7.90 -2.70 -13.15
C VAL B 371 -8.95 -2.31 -14.18
N THR B 372 -8.50 -1.81 -15.33
CA THR B 372 -9.44 -1.47 -16.42
C THR B 372 -10.26 -2.70 -16.81
N ALA B 373 -9.60 -3.86 -16.90
CA ALA B 373 -10.30 -5.08 -17.21
C ALA B 373 -11.36 -5.40 -16.15
N LEU B 374 -11.04 -5.21 -14.87
CA LEU B 374 -12.02 -5.39 -13.81
C LEU B 374 -13.22 -4.46 -13.96
N GLU B 375 -12.96 -3.18 -14.26
CA GLU B 375 -14.06 -2.18 -14.50
C GLU B 375 -15.00 -2.56 -15.65
N GLN B 376 -14.42 -3.09 -16.72
CA GLN B 376 -15.22 -3.51 -17.91
C GLN B 376 -16.06 -4.72 -17.55
N LEU B 377 -15.47 -5.64 -16.80
CA LEU B 377 -16.15 -6.84 -16.33
C LEU B 377 -17.37 -6.44 -15.52
N ALA B 378 -17.17 -5.59 -14.54
CA ALA B 378 -18.30 -5.10 -13.75
C ALA B 378 -19.34 -4.35 -14.60
N HIS B 379 -18.88 -3.49 -15.54
CA HIS B 379 -19.79 -2.69 -16.37
C HIS B 379 -20.70 -3.58 -17.25
N HIS B 380 -20.11 -4.57 -17.93
CA HIS B 380 -20.84 -5.42 -18.84
C HIS B 380 -21.83 -6.37 -18.17
N HIS B 381 -21.62 -6.60 -16.87
CA HIS B 381 -22.47 -7.47 -16.06
CA HIS B 381 -22.48 -7.51 -16.11
C HIS B 381 -23.89 -6.92 -15.93
N HIS B 382 -24.00 -5.60 -15.80
CA HIS B 382 -25.31 -5.00 -15.59
C HIS B 382 -25.71 -3.92 -16.62
N HIS B 383 -24.80 -3.55 -17.51
CA HIS B 383 -25.13 -2.67 -18.64
C HIS B 383 -24.98 -3.39 -19.98
N HIS B 384 -26.07 -3.44 -20.75
CA HIS B 384 -26.10 -4.18 -22.01
C HIS B 384 -26.44 -3.29 -23.22
#